data_6HTO
#
_entry.id   6HTO
#
_cell.length_a   46.970
_cell.length_b   92.610
_cell.length_c   94.460
_cell.angle_alpha   90.00
_cell.angle_beta   98.73
_cell.angle_gamma   90.00
#
_symmetry.space_group_name_H-M   'P 1 21 1'
#
loop_
_entity.id
_entity.type
_entity.pdbx_description
1 polymer '3-methyl-2-indolic acid synthase'
2 non-polymer 'IRON/SULFUR CLUSTER'
3 non-polymer METHIONINE
4 non-polymer "5'-DEOXYADENOSINE"
5 non-polymer GLYCEROL
6 non-polymer 'CHLORIDE ION'
7 water water
#
_entity_poly.entity_id   1
_entity_poly.type   'polypeptide(L)'
_entity_poly.pdbx_seq_one_letter_code
;MTQNSQAMTSHAMTGDFVLPELEDVRAEAATVDTRAVLALAEGEEPAESRAAVALALWEDRSIGTAELQAAAEARCGARR
PRLHTFVPLYTTNYCDSECKMCSMRKGNHRLDRKFSGRKEITEQLEILYHHEGVRGVGFLTGEYEDKHTRLASAFRIGWA
IRTALDLGFERVYFNIGSMEQDEIDVLGEWIGREDPVTMCVFQESYDRETYRRFMGKTSVGVPKADFDRRVVSFDRWLDA
GYRYVNPGVLVGLHDDLSAELVSLVAHGDHLRSRGATADLSVPRMRPAMKSRDTTRVGDDDYLRLMSVVAFTCPEQRLVL
TTREPQEFQDVALGLAGVISPGSPDVAPYRAGCEARNDEKSSQFLVADLRRPRHILGRIEASGTPVDHFVNPAGEASRAV
;
_entity_poly.pdbx_strand_id   A,B
#
# COMPACT_ATOMS: atom_id res chain seq x y z
N THR A 14 20.08 -5.66 -22.50
CA THR A 14 20.31 -5.09 -23.82
C THR A 14 19.25 -4.04 -24.15
N GLY A 15 19.69 -2.83 -24.49
CA GLY A 15 18.82 -1.74 -24.87
C GLY A 15 18.55 -0.72 -23.79
N ASP A 16 18.84 -1.03 -22.53
CA ASP A 16 18.59 -0.02 -21.49
C ASP A 16 19.67 1.05 -21.54
N PHE A 17 19.43 2.14 -20.80
CA PHE A 17 20.39 3.23 -20.78
C PHE A 17 21.73 2.75 -20.24
N VAL A 18 22.81 3.17 -20.90
CA VAL A 18 24.17 2.92 -20.45
C VAL A 18 24.83 4.27 -20.27
N LEU A 19 25.49 4.45 -19.13
CA LEU A 19 26.10 5.74 -18.84
C LEU A 19 27.13 6.06 -19.92
N PRO A 20 27.20 7.30 -20.37
CA PRO A 20 28.28 7.68 -21.29
C PRO A 20 29.64 7.63 -20.63
N GLU A 21 30.66 7.37 -21.44
CA GLU A 21 32.05 7.43 -20.99
C GLU A 21 32.51 8.87 -21.12
N LEU A 22 32.77 9.52 -19.98
CA LEU A 22 33.05 10.95 -20.00
C LEU A 22 34.27 11.31 -20.85
N GLU A 23 35.32 10.47 -20.85
CA GLU A 23 36.50 10.80 -21.64
C GLU A 23 36.21 10.76 -23.14
N ASP A 24 35.31 9.86 -23.58
CA ASP A 24 34.93 9.84 -24.98
C ASP A 24 34.09 11.05 -25.33
N VAL A 25 33.14 11.43 -24.47
CA VAL A 25 32.35 12.63 -24.72
C VAL A 25 33.25 13.84 -24.76
N ARG A 26 34.23 13.86 -23.86
CA ARG A 26 35.23 14.94 -23.83
C ARG A 26 35.97 15.02 -25.16
N ALA A 27 36.36 13.87 -25.72
CA ALA A 27 37.08 13.92 -27.00
C ALA A 27 36.19 14.39 -28.14
N GLU A 28 34.92 13.96 -28.15
CA GLU A 28 33.99 14.48 -29.15
C GLU A 28 33.74 15.98 -28.96
N ALA A 29 33.54 16.40 -27.70
CA ALA A 29 33.28 17.82 -27.44
C ALA A 29 34.36 18.71 -28.06
N ALA A 30 35.61 18.25 -28.07
CA ALA A 30 36.69 19.07 -28.60
C ALA A 30 36.56 19.32 -30.08
N THR A 31 35.82 18.48 -30.80
CA THR A 31 35.61 18.72 -32.22
C THR A 31 34.44 19.67 -32.52
N VAL A 32 33.66 20.08 -31.52
CA VAL A 32 32.45 20.86 -31.76
C VAL A 32 32.83 22.30 -32.09
N ASP A 33 32.22 22.84 -33.14
CA ASP A 33 32.32 24.27 -33.49
C ASP A 33 31.22 25.00 -32.71
N THR A 34 31.58 25.61 -31.57
CA THR A 34 30.53 26.07 -30.65
C THR A 34 29.78 27.27 -31.20
N ARG A 35 30.45 28.16 -31.93
N ARG A 35 30.46 28.16 -31.91
CA ARG A 35 29.69 29.26 -32.49
CA ARG A 35 29.71 29.27 -32.51
C ARG A 35 28.88 28.82 -33.70
C ARG A 35 28.90 28.85 -33.72
N ALA A 36 29.29 27.77 -34.40
CA ALA A 36 28.44 27.21 -35.43
C ALA A 36 27.22 26.55 -34.83
N VAL A 37 27.36 25.96 -33.63
CA VAL A 37 26.21 25.40 -32.92
C VAL A 37 25.21 26.50 -32.60
N LEU A 38 25.67 27.61 -32.04
CA LEU A 38 24.76 28.67 -31.65
CA LEU A 38 24.78 28.68 -31.65
C LEU A 38 24.06 29.31 -32.84
N ALA A 39 24.62 29.18 -34.03
CA ALA A 39 24.01 29.74 -35.23
C ALA A 39 22.90 28.87 -35.81
N LEU A 40 22.62 27.71 -35.20
CA LEU A 40 21.63 26.80 -35.76
C LEU A 40 20.22 27.35 -35.62
N ALA A 41 19.38 27.03 -36.59
CA ALA A 41 17.99 27.47 -36.59
C ALA A 41 17.10 26.45 -35.89
N GLU A 42 15.84 26.83 -35.67
CA GLU A 42 14.88 25.96 -34.98
C GLU A 42 14.76 24.59 -35.63
N GLU A 44 17.21 22.66 -36.46
CA GLU A 44 18.47 22.08 -36.93
C GLU A 44 19.28 21.45 -35.78
N GLU A 45 19.78 20.26 -36.03
CA GLU A 45 20.53 19.47 -35.06
C GLU A 45 22.02 19.57 -35.36
N PRO A 46 22.85 19.71 -34.34
CA PRO A 46 24.30 19.67 -34.55
C PRO A 46 24.72 18.34 -35.17
N ALA A 47 25.95 18.33 -35.68
CA ALA A 47 26.51 17.11 -36.25
C ALA A 47 26.93 16.13 -35.15
N GLU A 48 27.46 16.65 -34.05
CA GLU A 48 27.92 15.83 -32.95
C GLU A 48 26.77 15.45 -32.02
N SER A 49 27.03 14.48 -31.14
CA SER A 49 26.00 14.07 -30.21
C SER A 49 25.64 15.21 -29.28
N ARG A 50 24.39 15.18 -28.80
CA ARG A 50 23.89 16.23 -27.93
C ARG A 50 24.73 16.36 -26.66
N ALA A 51 25.13 15.23 -26.07
CA ALA A 51 25.94 15.32 -24.86
C ALA A 51 27.26 16.01 -25.13
N ALA A 52 27.88 15.72 -26.27
CA ALA A 52 29.16 16.35 -26.61
C ALA A 52 28.96 17.83 -26.89
N VAL A 53 27.86 18.19 -27.55
CA VAL A 53 27.58 19.60 -27.79
C VAL A 53 27.32 20.32 -26.48
N ALA A 54 26.58 19.68 -25.57
CA ALA A 54 26.27 20.33 -24.30
C ALA A 54 27.57 20.58 -23.52
N LEU A 55 28.46 19.60 -23.49
CA LEU A 55 29.74 19.78 -22.82
C LEU A 55 30.54 20.90 -23.47
N ALA A 56 30.59 20.92 -24.81
CA ALA A 56 31.38 21.93 -25.49
C ALA A 56 30.86 23.34 -25.19
N LEU A 57 29.54 23.54 -25.21
CA LEU A 57 28.96 24.84 -24.85
C LEU A 57 29.27 25.20 -23.41
N TRP A 58 29.05 24.25 -22.49
CA TRP A 58 29.29 24.51 -21.07
C TRP A 58 30.71 24.97 -20.83
N GLU A 59 31.67 24.31 -21.47
CA GLU A 59 33.08 24.53 -21.18
C GLU A 59 33.67 25.71 -21.94
N ASP A 60 33.01 26.19 -22.99
CA ASP A 60 33.61 27.25 -23.82
C ASP A 60 33.25 28.58 -23.18
N ARG A 61 34.13 29.04 -22.28
CA ARG A 61 33.88 30.28 -21.56
C ARG A 61 34.01 31.53 -22.43
N SER A 62 34.47 31.41 -23.68
CA SER A 62 34.39 32.56 -24.56
C SER A 62 32.95 32.86 -24.98
N ILE A 63 32.03 31.93 -24.76
CA ILE A 63 30.60 32.17 -24.93
C ILE A 63 30.03 32.42 -23.54
N GLY A 64 29.68 33.67 -23.23
CA GLY A 64 29.18 34.01 -21.92
C GLY A 64 27.83 33.37 -21.64
N THR A 65 27.51 33.22 -20.35
CA THR A 65 26.21 32.68 -19.98
C THR A 65 25.04 33.47 -20.58
N ALA A 66 25.15 34.81 -20.62
CA ALA A 66 24.01 35.60 -21.12
C ALA A 66 23.72 35.29 -22.57
N GLU A 67 24.77 35.04 -23.36
CA GLU A 67 24.62 34.64 -24.75
C GLU A 67 23.99 33.25 -24.87
N LEU A 68 24.46 32.29 -24.05
CA LEU A 68 23.83 30.97 -24.03
C LEU A 68 22.35 31.06 -23.64
N GLN A 69 22.01 31.87 -22.62
CA GLN A 69 20.62 31.92 -22.19
C GLN A 69 19.73 32.49 -23.29
N ALA A 70 20.20 33.54 -23.97
CA ALA A 70 19.38 34.11 -25.04
C ALA A 70 19.22 33.12 -26.19
N ALA A 71 20.29 32.36 -26.49
CA ALA A 71 20.23 31.37 -27.56
C ALA A 71 19.24 30.28 -27.21
N ALA A 72 19.25 29.85 -25.96
CA ALA A 72 18.37 28.78 -25.51
C ALA A 72 16.94 29.26 -25.43
N GLU A 73 16.73 30.47 -24.90
CA GLU A 73 15.39 31.02 -24.89
C GLU A 73 14.82 31.11 -26.29
N ALA A 74 15.68 31.48 -27.27
CA ALA A 74 15.25 31.56 -28.66
C ALA A 74 15.06 30.19 -29.29
N ARG A 75 15.99 29.23 -29.06
CA ARG A 75 15.84 27.90 -29.66
C ARG A 75 14.64 27.16 -29.09
N CYS A 76 14.20 27.53 -27.89
N CYS A 76 14.22 27.50 -27.88
CA CYS A 76 12.89 27.13 -27.38
CA CYS A 76 13.02 26.94 -27.28
C CYS A 76 11.90 28.25 -27.70
C CYS A 76 11.82 27.87 -27.40
N GLY A 77 10.88 28.46 -26.86
N GLY A 77 11.91 28.95 -28.19
CA GLY A 77 10.02 29.62 -27.03
CA GLY A 77 10.84 29.93 -28.17
C GLY A 77 9.06 29.57 -28.22
C GLY A 77 9.57 29.51 -28.89
N ALA A 78 9.49 28.97 -29.33
N ALA A 78 9.71 28.77 -30.00
CA ALA A 78 8.56 28.60 -30.39
CA ALA A 78 8.55 28.35 -30.78
C ALA A 78 7.77 27.35 -30.02
C ALA A 78 7.79 27.18 -30.15
N ARG A 79 8.27 26.62 -29.04
CA ARG A 79 7.57 25.47 -28.48
CA ARG A 79 7.58 25.47 -28.45
C ARG A 79 6.20 25.87 -27.97
N ARG A 80 5.21 25.00 -28.21
CA ARG A 80 3.84 25.26 -27.76
C ARG A 80 3.27 24.05 -27.04
N PRO A 81 2.60 24.23 -25.88
CA PRO A 81 2.46 25.51 -25.18
C PRO A 81 3.78 25.95 -24.64
N ARG A 82 3.93 27.23 -24.38
CA ARG A 82 5.18 27.71 -23.81
C ARG A 82 5.40 27.13 -22.41
N LEU A 83 4.33 26.97 -21.63
CA LEU A 83 4.51 26.49 -20.28
C LEU A 83 3.28 25.68 -19.92
N HIS A 84 3.49 24.60 -19.18
CA HIS A 84 2.37 23.99 -18.47
C HIS A 84 2.81 23.77 -17.03
N THR A 85 1.82 23.45 -16.18
CA THR A 85 2.01 23.42 -14.73
C THR A 85 1.54 22.12 -14.12
N PHE A 86 2.19 21.76 -13.02
CA PHE A 86 1.62 20.77 -12.10
C PHE A 86 2.09 21.11 -10.69
N VAL A 87 1.27 20.73 -9.72
CA VAL A 87 1.54 21.01 -8.31
C VAL A 87 1.87 19.70 -7.63
N PRO A 88 2.97 19.62 -6.88
CA PRO A 88 3.29 18.37 -6.16
C PRO A 88 2.38 18.16 -4.95
N LEU A 89 1.99 16.90 -4.77
CA LEU A 89 1.23 16.47 -3.59
C LEU A 89 1.96 15.27 -2.98
N TYR A 90 2.61 15.51 -1.85
CA TYR A 90 3.24 14.46 -1.09
C TYR A 90 2.17 13.73 -0.31
N THR A 91 2.05 12.42 -0.57
CA THR A 91 0.99 11.59 -0.02
C THR A 91 1.41 10.92 1.28
N THR A 92 2.69 10.98 1.61
CA THR A 92 3.23 10.43 2.84
C THR A 92 4.65 10.99 2.91
N ASN A 93 5.22 10.98 4.11
CA ASN A 93 6.64 11.29 4.24
C ASN A 93 7.38 10.14 4.91
N TYR A 94 6.76 8.97 5.04
CA TYR A 94 7.50 7.75 5.39
C TYR A 94 8.45 7.38 4.26
N CYS A 95 9.65 6.92 4.63
CA CYS A 95 10.59 6.44 3.65
C CYS A 95 11.51 5.41 4.29
N ASP A 96 11.84 4.36 3.55
CA ASP A 96 12.77 3.34 4.03
C ASP A 96 14.23 3.64 3.65
N SER A 97 14.47 4.64 2.77
CA SER A 97 15.83 4.90 2.31
C SER A 97 16.50 5.95 3.20
N GLU A 98 17.75 6.30 2.85
CA GLU A 98 18.58 7.05 3.79
CA GLU A 98 18.61 7.02 3.78
C GLU A 98 19.38 8.12 3.06
N CYS A 99 18.72 8.84 2.16
CA CYS A 99 19.45 9.87 1.40
C CYS A 99 19.87 11.00 2.32
N LYS A 100 21.19 11.28 2.37
CA LYS A 100 21.75 12.13 3.41
CA LYS A 100 21.73 12.13 3.41
C LYS A 100 21.46 13.61 3.19
N MET A 101 20.90 13.99 2.04
CA MET A 101 20.51 15.39 1.80
C MET A 101 19.04 15.67 2.05
N CYS A 102 18.27 14.68 2.50
CA CYS A 102 16.82 14.70 2.44
C CYS A 102 16.26 14.55 3.86
N SER A 103 15.28 15.38 4.23
CA SER A 103 14.73 15.25 5.59
C SER A 103 13.91 13.97 5.79
N MET A 104 13.41 13.35 4.70
CA MET A 104 12.59 12.14 4.85
C MET A 104 13.41 10.87 5.10
N ARG A 105 14.74 10.95 5.04
CA ARG A 105 15.58 9.78 5.30
C ARG A 105 15.13 9.08 6.57
N LYS A 106 15.19 7.76 6.53
CA LYS A 106 14.65 6.96 7.62
C LYS A 106 15.34 7.29 8.94
N GLY A 107 16.64 7.65 8.90
CA GLY A 107 17.35 7.95 10.12
C GLY A 107 17.09 9.31 10.72
N ASN A 108 16.25 10.13 10.09
CA ASN A 108 15.87 11.39 10.72
C ASN A 108 14.73 11.08 11.67
N HIS A 109 15.08 10.82 12.93
CA HIS A 109 14.08 10.51 13.94
C HIS A 109 13.25 11.72 14.35
N ARG A 110 13.67 12.92 13.97
CA ARG A 110 12.92 14.12 14.34
C ARG A 110 11.75 14.43 13.42
N LEU A 111 11.63 13.79 12.27
CA LEU A 111 10.52 14.12 11.39
C LEU A 111 9.21 13.60 11.96
N ASP A 112 8.14 14.37 11.81
CA ASP A 112 6.80 13.91 12.19
CA ASP A 112 6.80 13.93 12.19
C ASP A 112 6.22 13.18 10.99
N ARG A 113 6.07 11.85 11.13
CA ARG A 113 5.66 11.01 10.01
C ARG A 113 4.14 11.04 9.79
N LYS A 114 3.75 11.15 8.51
CA LYS A 114 2.36 11.38 8.11
C LYS A 114 2.01 10.50 6.92
N PHE A 115 0.72 10.15 6.79
CA PHE A 115 0.25 9.33 5.69
C PHE A 115 -1.16 9.75 5.36
N SER A 116 -1.41 10.10 4.10
CA SER A 116 -2.74 10.50 3.66
C SER A 116 -3.54 9.31 3.14
N GLY A 117 -4.73 9.12 3.70
CA GLY A 117 -5.66 8.13 3.21
C GLY A 117 -6.55 8.68 2.10
N ARG A 118 -7.59 7.90 1.80
CA ARG A 118 -8.53 8.26 0.73
C ARG A 118 -9.09 9.67 0.91
N LYS A 119 -9.56 9.99 2.12
CA LYS A 119 -10.28 11.24 2.33
C LYS A 119 -9.33 12.41 2.14
N GLU A 120 -8.12 12.30 2.68
CA GLU A 120 -7.19 13.42 2.63
C GLU A 120 -6.66 13.63 1.22
N ILE A 121 -6.29 12.58 0.50
CA ILE A 121 -5.84 12.77 -0.88
C ILE A 121 -6.95 13.42 -1.71
N THR A 122 -8.20 12.95 -1.53
CA THR A 122 -9.28 13.50 -2.33
C THR A 122 -9.48 14.98 -1.99
N GLU A 123 -9.46 15.31 -0.70
CA GLU A 123 -9.69 16.70 -0.29
C GLU A 123 -8.60 17.59 -0.86
N GLN A 124 -7.35 17.12 -0.83
CA GLN A 124 -6.25 17.89 -1.38
C GLN A 124 -6.43 18.10 -2.88
N LEU A 125 -6.82 17.04 -3.60
CA LEU A 125 -6.99 17.21 -5.03
C LEU A 125 -8.08 18.21 -5.32
N GLU A 126 -9.16 18.21 -4.51
CA GLU A 126 -10.26 19.15 -4.75
C GLU A 126 -9.81 20.59 -4.47
N ILE A 127 -9.02 20.79 -3.43
CA ILE A 127 -8.45 22.12 -3.16
C ILE A 127 -7.59 22.60 -4.34
N LEU A 128 -6.72 21.73 -4.85
CA LEU A 128 -5.86 22.12 -5.97
C LEU A 128 -6.68 22.45 -7.23
N TYR A 129 -7.69 21.64 -7.52
CA TYR A 129 -8.51 21.87 -8.72
C TYR A 129 -9.33 23.14 -8.58
N HIS A 130 -10.07 23.27 -7.47
CA HIS A 130 -11.04 24.37 -7.35
C HIS A 130 -10.43 25.65 -6.81
N HIS A 131 -9.54 25.54 -5.85
CA HIS A 131 -8.99 26.74 -5.20
C HIS A 131 -7.67 27.21 -5.76
N GLU A 132 -6.86 26.33 -6.33
CA GLU A 132 -5.69 26.81 -7.05
C GLU A 132 -5.88 26.88 -8.55
N GLY A 133 -6.90 26.22 -9.09
CA GLY A 133 -7.19 26.26 -10.53
C GLY A 133 -6.23 25.46 -11.36
N VAL A 134 -5.56 24.47 -10.79
CA VAL A 134 -4.60 23.71 -11.55
C VAL A 134 -5.23 22.43 -12.06
N ARG A 135 -4.72 21.96 -13.21
CA ARG A 135 -5.17 20.72 -13.84
C ARG A 135 -4.00 19.76 -14.03
N GLY A 136 -2.87 20.06 -13.38
CA GLY A 136 -1.74 19.15 -13.31
C GLY A 136 -1.43 18.91 -11.86
N VAL A 137 -1.08 17.66 -11.54
CA VAL A 137 -0.72 17.32 -10.17
C VAL A 137 0.36 16.27 -10.21
N GLY A 138 1.20 16.23 -9.18
CA GLY A 138 2.18 15.15 -9.04
C GLY A 138 2.01 14.48 -7.69
N PHE A 139 2.24 13.19 -7.66
CA PHE A 139 2.16 12.45 -6.40
C PHE A 139 3.52 11.93 -6.01
N LEU A 140 3.89 12.14 -4.74
CA LEU A 140 5.18 11.69 -4.24
C LEU A 140 5.03 10.83 -3.00
N THR A 141 6.00 9.94 -2.84
CA THR A 141 6.12 9.09 -1.65
C THR A 141 7.59 8.93 -1.32
N GLY A 142 7.90 8.21 -0.26
CA GLY A 142 9.27 7.73 -0.10
C GLY A 142 9.53 6.53 -1.01
N GLU A 143 10.74 5.96 -0.90
CA GLU A 143 10.99 4.70 -1.58
C GLU A 143 11.08 3.59 -0.52
N TYR A 144 10.52 2.42 -0.83
CA TYR A 144 10.35 1.37 0.19
C TYR A 144 11.25 0.17 -0.08
N GLU A 145 11.57 -0.58 0.97
CA GLU A 145 12.55 -1.64 0.82
C GLU A 145 11.93 -2.96 0.37
N ASP A 146 10.96 -3.46 1.13
CA ASP A 146 10.48 -4.80 0.84
CA ASP A 146 10.40 -4.80 0.91
C ASP A 146 9.43 -4.79 -0.27
N LYS A 147 9.38 -5.92 -1.01
CA LYS A 147 8.58 -6.00 -2.21
C LYS A 147 7.12 -5.73 -1.91
N HIS A 148 6.57 -6.32 -0.84
CA HIS A 148 5.15 -6.06 -0.58
C HIS A 148 4.86 -4.57 -0.36
N THR A 149 5.75 -3.87 0.37
CA THR A 149 5.53 -2.45 0.58
C THR A 149 5.58 -1.70 -0.73
N ARG A 150 6.52 -2.04 -1.61
CA ARG A 150 6.63 -1.32 -2.88
C ARG A 150 5.38 -1.54 -3.74
N LEU A 151 4.84 -2.78 -3.73
CA LEU A 151 3.62 -3.09 -4.47
C LEU A 151 2.44 -2.36 -3.85
N ALA A 152 2.35 -2.35 -2.52
CA ALA A 152 1.22 -1.66 -1.90
C ALA A 152 1.29 -0.15 -2.16
N SER A 153 2.50 0.41 -2.15
CA SER A 153 2.68 1.83 -2.50
C SER A 153 2.25 2.12 -3.94
N ALA A 154 2.70 1.27 -4.88
CA ALA A 154 2.28 1.43 -6.26
C ALA A 154 0.77 1.32 -6.39
N PHE A 155 0.14 0.43 -5.62
CA PHE A 155 -1.33 0.32 -5.69
C PHE A 155 -1.99 1.65 -5.30
N ARG A 156 -1.57 2.21 -4.15
CA ARG A 156 -2.17 3.45 -3.66
CA ARG A 156 -2.14 3.44 -3.65
C ARG A 156 -1.93 4.62 -4.61
N ILE A 157 -0.73 4.73 -5.16
CA ILE A 157 -0.47 5.83 -6.09
C ILE A 157 -1.22 5.64 -7.39
N GLY A 158 -1.34 4.40 -7.89
CA GLY A 158 -2.16 4.18 -9.05
C GLY A 158 -3.59 4.62 -8.81
N TRP A 159 -4.14 4.25 -7.64
CA TRP A 159 -5.47 4.74 -7.25
C TRP A 159 -5.52 6.27 -7.30
N ALA A 160 -4.49 6.93 -6.74
CA ALA A 160 -4.46 8.40 -6.71
C ALA A 160 -4.47 8.99 -8.11
N ILE A 161 -3.73 8.36 -9.03
CA ILE A 161 -3.62 8.86 -10.40
C ILE A 161 -4.97 8.76 -11.08
N ARG A 162 -5.62 7.59 -10.94
CA ARG A 162 -6.96 7.36 -11.48
C ARG A 162 -7.94 8.40 -10.92
N THR A 163 -7.87 8.63 -9.63
CA THR A 163 -8.76 9.56 -8.96
C THR A 163 -8.58 10.97 -9.50
N ALA A 164 -7.33 11.39 -9.68
CA ALA A 164 -7.04 12.70 -10.26
C ALA A 164 -7.55 12.82 -11.70
N LEU A 165 -7.25 11.84 -12.56
CA LEU A 165 -7.78 11.88 -13.92
C LEU A 165 -9.31 11.96 -13.93
N ASP A 166 -9.98 11.20 -13.04
CA ASP A 166 -11.43 11.21 -13.04
C ASP A 166 -11.99 12.52 -12.49
N LEU A 167 -11.17 13.30 -11.75
CA LEU A 167 -11.58 14.62 -11.31
C LEU A 167 -11.34 15.66 -12.36
N GLY A 168 -10.64 15.32 -13.44
CA GLY A 168 -10.42 16.29 -14.49
C GLY A 168 -9.02 16.84 -14.54
N PHE A 169 -8.07 16.29 -13.77
CA PHE A 169 -6.69 16.64 -14.01
C PHE A 169 -6.30 16.07 -15.35
N GLU A 170 -5.55 16.86 -16.11
CA GLU A 170 -5.19 16.52 -17.48
C GLU A 170 -3.73 16.13 -17.62
N ARG A 171 -2.98 16.19 -16.53
CA ARG A 171 -1.59 15.72 -16.51
C ARG A 171 -1.28 15.30 -15.08
N VAL A 172 -0.72 14.12 -14.93
CA VAL A 172 -0.39 13.62 -13.60
C VAL A 172 1.04 13.10 -13.64
N TYR A 173 1.88 13.60 -12.72
CA TYR A 173 3.24 13.10 -12.53
C TYR A 173 3.26 12.20 -11.31
N PHE A 174 4.22 11.25 -11.26
CA PHE A 174 4.40 10.52 -10.01
C PHE A 174 5.90 10.36 -9.78
N ASN A 175 6.31 10.43 -8.51
CA ASN A 175 7.74 10.39 -8.11
C ASN A 175 7.73 9.56 -6.83
N ILE A 176 7.89 8.24 -6.98
CA ILE A 176 7.62 7.28 -5.91
C ILE A 176 8.76 6.27 -5.76
N GLY A 177 9.92 6.58 -6.33
CA GLY A 177 11.05 5.68 -6.28
C GLY A 177 11.31 4.93 -7.57
N SER A 178 12.43 4.18 -7.56
CA SER A 178 12.68 3.25 -8.65
C SER A 178 11.51 2.29 -8.80
N MET A 179 11.33 1.75 -10.00
CA MET A 179 10.24 0.80 -10.18
CA MET A 179 10.20 0.85 -10.27
C MET A 179 10.70 -0.38 -11.01
N GLU A 180 10.32 -1.55 -10.53
CA GLU A 180 10.53 -2.81 -11.22
C GLU A 180 9.28 -3.13 -12.04
N GLN A 181 9.41 -4.11 -12.92
CA GLN A 181 8.31 -4.47 -13.82
C GLN A 181 7.02 -4.82 -13.05
N ASP A 182 7.09 -5.62 -12.00
CA ASP A 182 5.84 -5.98 -11.31
C ASP A 182 5.18 -4.76 -10.63
N GLU A 183 5.97 -3.80 -10.17
CA GLU A 183 5.43 -2.60 -9.55
C GLU A 183 4.77 -1.71 -10.59
N ILE A 184 5.39 -1.60 -11.77
CA ILE A 184 4.74 -0.90 -12.88
C ILE A 184 3.47 -1.60 -13.27
N ASP A 185 3.43 -2.93 -13.18
CA ASP A 185 2.20 -3.64 -13.53
C ASP A 185 1.07 -3.24 -12.58
N VAL A 186 1.36 -3.14 -11.27
CA VAL A 186 0.32 -2.76 -10.29
C VAL A 186 -0.17 -1.33 -10.51
N LEU A 187 0.75 -0.38 -10.62
CA LEU A 187 0.35 1.00 -10.90
C LEU A 187 -0.43 1.06 -12.22
N GLY A 188 0.04 0.31 -13.21
CA GLY A 188 -0.49 0.38 -14.57
C GLY A 188 -1.92 -0.12 -14.69
N GLU A 189 -2.39 -0.92 -13.75
CA GLU A 189 -3.76 -1.39 -13.82
C GLU A 189 -4.76 -0.27 -13.57
N TRP A 190 -4.27 0.88 -13.14
CA TRP A 190 -5.11 2.02 -12.85
C TRP A 190 -5.21 3.00 -13.99
N ILE A 191 -4.41 2.82 -15.05
CA ILE A 191 -4.33 3.81 -16.11
C ILE A 191 -4.29 3.10 -17.45
N GLY A 192 -4.30 3.92 -18.50
CA GLY A 192 -4.18 3.43 -19.84
C GLY A 192 -2.87 3.88 -20.42
N ARG A 193 -2.38 3.13 -21.41
CA ARG A 193 -1.07 3.44 -21.97
C ARG A 193 -1.02 4.82 -22.60
N GLU A 194 -2.16 5.41 -22.97
CA GLU A 194 -2.14 6.76 -23.53
C GLU A 194 -2.52 7.85 -22.54
N ASP A 195 -2.73 7.50 -21.28
CA ASP A 195 -3.11 8.53 -20.31
C ASP A 195 -1.92 9.48 -20.10
N PRO A 196 -2.21 10.71 -19.73
CA PRO A 196 -1.14 11.71 -19.60
C PRO A 196 -0.49 11.61 -18.24
N VAL A 197 0.36 10.57 -18.08
CA VAL A 197 0.97 10.20 -16.81
C VAL A 197 2.47 10.10 -17.02
N THR A 198 3.22 10.89 -16.23
CA THR A 198 4.69 11.00 -16.38
C THR A 198 5.39 10.35 -15.20
N MET A 199 6.32 9.45 -15.46
CA MET A 199 7.11 8.83 -14.41
C MET A 199 8.33 9.70 -14.12
N CYS A 200 8.51 10.06 -12.85
CA CYS A 200 9.69 10.86 -12.44
C CYS A 200 10.61 10.00 -11.60
N VAL A 201 11.89 9.87 -12.02
CA VAL A 201 12.89 9.16 -11.21
C VAL A 201 14.18 9.94 -11.42
N PHE A 202 14.49 10.84 -10.52
CA PHE A 202 15.71 11.64 -10.70
C PHE A 202 16.90 10.83 -10.23
N GLN A 203 17.92 10.68 -11.09
CA GLN A 203 19.08 9.90 -10.67
C GLN A 203 19.84 10.58 -9.53
N GLU A 204 19.65 11.88 -9.36
CA GLU A 204 20.26 12.71 -8.32
C GLU A 204 21.71 12.98 -8.69
N SER A 205 22.53 11.93 -8.77
CA SER A 205 23.84 12.08 -9.40
C SER A 205 24.07 10.88 -10.29
N TYR A 206 24.65 11.10 -11.45
CA TYR A 206 25.00 9.98 -12.32
C TYR A 206 26.41 9.52 -12.07
N ASP A 207 27.10 10.14 -11.13
CA ASP A 207 28.41 9.68 -10.71
C ASP A 207 28.19 8.65 -9.61
N ARG A 208 28.68 7.43 -9.82
CA ARG A 208 28.45 6.36 -8.86
C ARG A 208 29.03 6.64 -7.49
N GLU A 209 30.19 7.31 -7.42
CA GLU A 209 30.82 7.59 -6.13
C GLU A 209 30.01 8.64 -5.35
N THR A 210 29.61 9.73 -6.02
CA THR A 210 28.81 10.71 -5.31
C THR A 210 27.47 10.09 -4.94
N TYR A 211 26.91 9.30 -5.84
CA TYR A 211 25.63 8.65 -5.53
C TYR A 211 25.75 7.81 -4.26
N ARG A 212 26.81 7.00 -4.16
CA ARG A 212 27.02 6.21 -2.94
C ARG A 212 27.17 7.10 -1.71
N ARG A 213 27.86 8.23 -1.85
CA ARG A 213 28.10 9.10 -0.71
C ARG A 213 26.80 9.56 -0.07
N PHE A 214 25.78 9.84 -0.90
CA PHE A 214 24.52 10.36 -0.37
C PHE A 214 23.42 9.32 -0.26
N MET A 215 23.36 8.33 -1.16
CA MET A 215 22.25 7.37 -1.14
C MET A 215 22.57 6.09 -0.39
N GLY A 216 23.85 5.81 -0.08
CA GLY A 216 24.19 4.60 0.64
C GLY A 216 24.78 3.50 -0.23
N LYS A 217 25.08 2.40 0.45
CA LYS A 217 25.61 1.19 -0.14
C LYS A 217 24.48 0.19 -0.36
N THR A 218 24.70 -0.72 -1.31
CA THR A 218 23.75 -1.77 -1.60
C THR A 218 23.86 -2.94 -0.63
N SER A 219 22.83 -3.78 -0.66
CA SER A 219 22.77 -5.05 0.08
C SER A 219 22.58 -4.87 1.57
N VAL A 220 22.07 -3.72 2.01
CA VAL A 220 21.91 -3.48 3.44
C VAL A 220 20.57 -2.83 3.73
N GLY A 221 19.58 -3.11 2.90
CA GLY A 221 18.21 -2.68 3.19
C GLY A 221 17.89 -1.23 2.86
N VAL A 222 18.67 -0.58 2.00
CA VAL A 222 18.47 0.83 1.68
C VAL A 222 18.12 0.88 0.20
N PRO A 223 16.84 1.04 -0.14
CA PRO A 223 16.43 0.69 -1.52
C PRO A 223 17.02 1.60 -2.58
N LYS A 224 17.16 2.89 -2.28
CA LYS A 224 17.67 3.78 -3.30
C LYS A 224 19.18 3.64 -3.51
N ALA A 225 19.86 2.88 -2.66
CA ALA A 225 21.30 2.65 -2.88
C ALA A 225 21.58 1.90 -4.17
N ASP A 226 20.56 1.23 -4.76
CA ASP A 226 20.79 0.44 -5.98
C ASP A 226 20.67 1.38 -7.19
N PHE A 227 21.84 1.90 -7.59
CA PHE A 227 21.92 2.85 -8.69
C PHE A 227 21.33 2.27 -9.97
N ASP A 228 21.61 0.99 -10.23
CA ASP A 228 21.23 0.39 -11.50
C ASP A 228 19.73 0.17 -11.61
N ARG A 229 19.10 -0.33 -10.53
CA ARG A 229 17.66 -0.44 -10.57
C ARG A 229 17.03 0.92 -10.81
N ARG A 230 17.59 1.97 -10.21
CA ARG A 230 17.01 3.28 -10.37
C ARG A 230 17.12 3.76 -11.80
N VAL A 231 18.32 3.64 -12.38
CA VAL A 231 18.57 4.33 -13.64
C VAL A 231 17.87 3.65 -14.82
N VAL A 232 17.44 2.39 -14.69
CA VAL A 232 16.72 1.71 -15.76
C VAL A 232 15.20 1.71 -15.53
N SER A 233 14.72 2.41 -14.50
CA SER A 233 13.27 2.43 -14.27
C SER A 233 12.51 2.98 -15.48
N PHE A 234 13.05 4.03 -16.11
CA PHE A 234 12.38 4.52 -17.34
C PHE A 234 12.35 3.49 -18.44
N ASP A 235 13.38 2.64 -18.54
CA ASP A 235 13.35 1.60 -19.56
C ASP A 235 12.27 0.57 -19.29
N ARG A 236 12.01 0.26 -18.01
CA ARG A 236 10.92 -0.66 -17.70
C ARG A 236 9.58 0.00 -18.01
N TRP A 237 9.45 1.30 -17.73
CA TRP A 237 8.22 2.03 -18.03
C TRP A 237 7.93 2.03 -19.54
N LEU A 238 8.95 2.30 -20.35
CA LEU A 238 8.81 2.29 -21.80
C LEU A 238 8.55 0.90 -22.33
N ASP A 239 9.21 -0.11 -21.74
CA ASP A 239 8.95 -1.50 -22.12
C ASP A 239 7.47 -1.82 -21.94
N ALA A 240 6.87 -1.28 -20.88
CA ALA A 240 5.47 -1.57 -20.60
C ALA A 240 4.50 -0.81 -21.49
N GLY A 241 4.99 0.07 -22.37
CA GLY A 241 4.14 0.74 -23.35
C GLY A 241 3.84 2.19 -23.06
N TYR A 242 4.40 2.76 -22.00
CA TYR A 242 4.10 4.13 -21.62
C TYR A 242 5.04 5.06 -22.40
N ARG A 243 5.00 6.36 -22.10
CA ARG A 243 5.54 7.35 -23.02
C ARG A 243 6.28 8.47 -22.29
N TYR A 244 5.75 8.97 -21.18
CA TYR A 244 6.18 10.23 -20.58
C TYR A 244 7.11 9.94 -19.42
N VAL A 245 8.30 10.57 -19.44
CA VAL A 245 9.33 10.35 -18.43
C VAL A 245 9.96 11.67 -18.01
N ASN A 246 10.65 11.65 -16.86
CA ASN A 246 11.23 12.88 -16.28
C ASN A 246 12.49 12.51 -15.49
N PRO A 247 13.63 12.39 -16.16
CA PRO A 247 14.91 12.26 -15.47
C PRO A 247 15.31 13.58 -14.81
N GLY A 248 16.29 13.49 -13.90
CA GLY A 248 16.74 14.69 -13.20
C GLY A 248 18.05 14.48 -12.47
N VAL A 249 18.73 15.61 -12.22
CA VAL A 249 19.93 15.64 -11.38
CA VAL A 249 19.97 15.70 -11.42
C VAL A 249 19.70 16.65 -10.26
N LEU A 250 20.21 16.33 -9.06
CA LEU A 250 20.13 17.22 -7.92
C LEU A 250 21.39 18.04 -7.86
N VAL A 251 21.24 19.30 -8.19
CA VAL A 251 22.39 20.18 -8.32
C VAL A 251 22.91 20.58 -6.95
N GLY A 252 24.19 20.30 -6.70
CA GLY A 252 24.77 20.49 -5.40
C GLY A 252 25.24 19.22 -4.74
N LEU A 253 24.99 18.04 -5.32
CA LEU A 253 25.59 16.82 -4.81
C LEU A 253 26.98 16.62 -5.38
N HIS A 254 27.09 16.49 -6.68
CA HIS A 254 28.38 16.27 -7.32
C HIS A 254 29.03 17.62 -7.63
N ASP A 255 30.36 17.73 -7.37
CA ASP A 255 31.06 19.00 -7.57
CA ASP A 255 31.07 19.00 -7.56
C ASP A 255 31.23 19.34 -9.05
N ASP A 256 31.41 18.34 -9.89
CA ASP A 256 31.70 18.56 -11.33
C ASP A 256 30.40 18.55 -12.13
N LEU A 257 29.86 19.74 -12.40
CA LEU A 257 28.62 19.82 -13.16
C LEU A 257 28.77 19.39 -14.61
N SER A 258 29.96 19.48 -15.18
CA SER A 258 30.14 19.04 -16.57
C SER A 258 29.84 17.55 -16.70
N ALA A 259 30.21 16.75 -15.70
CA ALA A 259 29.89 15.32 -15.74
C ALA A 259 28.38 15.08 -15.66
N GLU A 260 27.67 15.82 -14.81
CA GLU A 260 26.25 15.60 -14.62
C GLU A 260 25.47 16.02 -15.85
N LEU A 261 25.86 17.16 -16.44
CA LEU A 261 25.23 17.64 -17.66
C LEU A 261 25.37 16.62 -18.79
N VAL A 262 26.56 16.05 -18.95
CA VAL A 262 26.74 15.03 -19.97
C VAL A 262 25.83 13.85 -19.72
N SER A 263 25.79 13.38 -18.48
CA SER A 263 24.99 12.19 -18.22
C SER A 263 23.49 12.47 -18.40
N LEU A 264 23.02 13.63 -17.95
CA LEU A 264 21.59 13.93 -18.07
C LEU A 264 21.19 14.06 -19.53
N VAL A 265 21.97 14.81 -20.31
CA VAL A 265 21.65 14.98 -21.74
C VAL A 265 21.71 13.64 -22.45
N ALA A 266 22.71 12.81 -22.13
CA ALA A 266 22.78 11.50 -22.75
C ALA A 266 21.55 10.67 -22.41
N HIS A 267 21.10 10.74 -21.15
CA HIS A 267 19.92 10.00 -20.74
C HIS A 267 18.72 10.50 -21.51
N GLY A 268 18.56 11.83 -21.60
CA GLY A 268 17.47 12.35 -22.39
C GLY A 268 17.55 11.91 -23.83
N ASP A 269 18.76 11.79 -24.38
CA ASP A 269 18.90 11.37 -25.78
C ASP A 269 18.54 9.89 -25.93
N HIS A 270 18.94 9.08 -24.96
CA HIS A 270 18.54 7.68 -24.96
C HIS A 270 17.02 7.55 -24.94
N LEU A 271 16.36 8.33 -24.08
CA LEU A 271 14.91 8.24 -23.95
C LEU A 271 14.21 8.68 -25.23
N ARG A 272 14.73 9.74 -25.87
CA ARG A 272 14.20 10.20 -27.14
C ARG A 272 14.27 9.11 -28.20
N SER A 273 15.40 8.37 -28.24
CA SER A 273 15.58 7.26 -29.18
C SER A 273 14.62 6.11 -28.90
N ARG A 274 14.09 6.01 -27.71
CA ARG A 274 13.07 5.03 -27.40
C ARG A 274 11.68 5.57 -27.65
N GLY A 275 11.57 6.77 -28.20
CA GLY A 275 10.22 7.27 -28.51
C GLY A 275 9.56 8.00 -27.36
N ALA A 276 10.28 8.25 -26.27
CA ALA A 276 9.69 8.83 -25.08
C ALA A 276 9.54 10.32 -25.25
N THR A 277 8.61 10.90 -24.48
CA THR A 277 8.56 12.34 -24.27
C THR A 277 9.12 12.57 -22.89
N ALA A 278 10.15 13.40 -22.80
CA ALA A 278 10.86 13.58 -21.54
C ALA A 278 10.81 15.04 -21.11
N ASP A 279 10.60 15.26 -19.82
CA ASP A 279 10.95 16.52 -19.17
C ASP A 279 12.28 16.32 -18.44
N LEU A 280 13.01 17.40 -18.23
CA LEU A 280 14.31 17.31 -17.58
C LEU A 280 14.28 18.20 -16.34
N SER A 281 14.68 17.66 -15.18
CA SER A 281 14.69 18.40 -13.93
C SER A 281 16.11 18.59 -13.43
N VAL A 282 16.44 19.82 -13.04
CA VAL A 282 17.74 20.11 -12.42
C VAL A 282 17.50 20.86 -11.10
N PRO A 283 16.78 20.26 -10.14
CA PRO A 283 16.49 20.99 -8.89
C PRO A 283 17.76 21.31 -8.12
N ARG A 284 17.82 22.49 -7.50
CA ARG A 284 18.92 22.86 -6.63
C ARG A 284 18.60 22.50 -5.17
N MET A 285 19.64 22.20 -4.41
CA MET A 285 19.54 21.87 -2.99
CA MET A 285 19.52 21.87 -3.00
C MET A 285 18.86 22.99 -2.20
N ARG A 286 17.98 22.60 -1.28
CA ARG A 286 17.35 23.51 -0.35
C ARG A 286 17.58 23.02 1.08
N PRO A 287 17.35 23.88 2.08
CA PRO A 287 17.62 23.48 3.46
C PRO A 287 16.76 22.29 3.85
N ALA A 288 17.39 21.36 4.55
CA ALA A 288 16.76 20.12 5.01
C ALA A 288 17.50 19.62 6.23
N MET A 289 16.94 18.58 6.85
CA MET A 289 17.63 17.96 7.97
C MET A 289 18.63 16.95 7.42
N LYS A 290 19.70 17.49 6.85
CA LYS A 290 20.75 16.76 6.16
C LYS A 290 21.78 16.22 7.14
N SER A 291 22.48 15.16 6.73
CA SER A 291 23.59 14.62 7.50
C SER A 291 24.92 14.60 6.76
N ARG A 292 24.95 15.11 5.51
CA ARG A 292 26.21 15.23 4.79
C ARG A 292 26.27 16.60 4.13
N ASP A 293 27.47 17.00 3.73
CA ASP A 293 27.68 18.33 3.18
C ASP A 293 27.24 18.37 1.74
N THR A 294 26.68 19.51 1.34
CA THR A 294 26.34 19.72 -0.08
C THR A 294 26.95 21.04 -0.50
N THR A 295 26.97 21.31 -1.80
CA THR A 295 27.52 22.59 -2.22
C THR A 295 26.46 23.45 -2.88
N ARG A 296 26.62 24.76 -2.73
CA ARG A 296 25.74 25.74 -3.34
C ARG A 296 26.31 26.09 -4.70
N VAL A 297 25.53 25.84 -5.75
CA VAL A 297 25.90 26.24 -7.10
C VAL A 297 25.31 27.63 -7.32
N GLY A 298 26.15 28.54 -7.77
CA GLY A 298 25.72 29.92 -7.92
C GLY A 298 24.74 30.14 -9.05
N ASP A 299 24.03 31.28 -8.97
CA ASP A 299 22.94 31.56 -9.89
C ASP A 299 23.39 31.60 -11.33
N ASP A 300 24.52 32.26 -11.62
CA ASP A 300 24.89 32.39 -13.04
C ASP A 300 25.36 31.07 -13.63
N ASP A 301 26.07 30.25 -12.84
CA ASP A 301 26.45 28.91 -13.29
C ASP A 301 25.23 28.01 -13.43
N TYR A 302 24.25 28.13 -12.52
CA TYR A 302 23.02 27.38 -12.65
C TYR A 302 22.24 27.77 -13.91
N LEU A 303 22.18 29.07 -14.23
CA LEU A 303 21.56 29.50 -15.50
C LEU A 303 22.34 28.97 -16.70
N ARG A 304 23.66 28.88 -16.59
CA ARG A 304 24.44 28.29 -17.67
C ARG A 304 24.08 26.83 -17.87
N LEU A 305 23.97 26.06 -16.77
CA LEU A 305 23.55 24.67 -16.88
C LEU A 305 22.16 24.57 -17.54
N MET A 306 21.19 25.32 -17.02
CA MET A 306 19.84 25.29 -17.62
C MET A 306 19.90 25.65 -19.11
N SER A 307 20.69 26.66 -19.45
CA SER A 307 20.76 27.13 -20.84
C SER A 307 21.31 26.05 -21.76
N VAL A 308 22.39 25.39 -21.35
CA VAL A 308 23.00 24.41 -22.24
C VAL A 308 22.10 23.20 -22.40
N VAL A 309 21.39 22.83 -21.33
CA VAL A 309 20.47 21.69 -21.43
C VAL A 309 19.28 22.06 -22.30
N ALA A 310 18.66 23.23 -22.06
CA ALA A 310 17.48 23.61 -22.84
C ALA A 310 17.84 23.75 -24.32
N PHE A 311 19.01 24.33 -24.63
CA PHE A 311 19.40 24.51 -26.02
C PHE A 311 19.60 23.18 -26.72
N THR A 312 20.33 22.27 -26.08
CA THR A 312 20.68 21.03 -26.75
C THR A 312 19.54 20.03 -26.75
N CYS A 313 18.54 20.19 -25.87
CA CYS A 313 17.44 19.25 -25.78
C CYS A 313 16.15 20.04 -25.97
N PRO A 314 15.97 20.65 -27.13
CA PRO A 314 14.91 21.66 -27.28
C PRO A 314 13.50 21.12 -27.19
N GLU A 315 13.27 19.80 -27.31
CA GLU A 315 11.92 19.28 -27.17
C GLU A 315 11.66 18.67 -25.80
N GLN A 316 12.63 18.76 -24.91
CA GLN A 316 12.56 18.16 -23.57
C GLN A 316 12.51 19.34 -22.59
N ARG A 317 11.31 19.58 -22.07
CA ARG A 317 11.06 20.76 -21.24
C ARG A 317 11.81 20.70 -19.92
N LEU A 318 12.49 21.78 -19.57
CA LEU A 318 13.02 21.90 -18.21
C LEU A 318 11.90 22.24 -17.22
N VAL A 319 11.96 21.65 -16.05
CA VAL A 319 11.02 21.90 -14.97
C VAL A 319 11.61 22.86 -13.97
N LEU A 320 10.89 23.93 -13.70
CA LEU A 320 11.31 24.94 -12.71
C LEU A 320 10.31 24.88 -11.55
N THR A 321 10.81 24.87 -10.33
CA THR A 321 9.99 24.69 -9.13
C THR A 321 10.23 25.81 -8.12
N THR A 322 9.45 25.79 -7.05
CA THR A 322 9.56 26.73 -5.94
C THR A 322 10.70 26.42 -4.99
N ARG A 323 11.58 25.46 -5.34
CA ARG A 323 12.92 25.47 -4.80
C ARG A 323 13.63 26.78 -5.11
N GLU A 324 13.20 27.45 -6.19
CA GLU A 324 13.77 28.74 -6.57
C GLU A 324 12.90 29.91 -6.08
N PRO A 325 13.53 30.99 -5.66
CA PRO A 325 12.76 32.16 -5.21
C PRO A 325 12.17 32.89 -6.40
N GLN A 326 11.18 33.75 -6.09
CA GLN A 326 10.47 34.51 -7.11
C GLN A 326 11.44 35.17 -8.06
N GLU A 327 12.50 35.82 -7.53
CA GLU A 327 13.37 36.60 -8.39
C GLU A 327 14.16 35.73 -9.36
N PHE A 328 14.53 34.51 -8.96
CA PHE A 328 15.17 33.60 -9.87
C PHE A 328 14.19 33.07 -10.90
N GLN A 329 12.99 32.64 -10.47
CA GLN A 329 11.97 32.23 -11.43
C GLN A 329 11.83 33.25 -12.52
N ASP A 330 11.74 34.52 -12.14
CA ASP A 330 11.56 35.60 -13.11
C ASP A 330 12.66 35.57 -14.15
N VAL A 331 13.92 35.40 -13.72
CA VAL A 331 15.00 35.48 -14.69
CA VAL A 331 15.05 35.45 -14.64
C VAL A 331 15.11 34.21 -15.52
N ALA A 332 14.74 33.06 -14.96
CA ALA A 332 14.95 31.78 -15.62
C ALA A 332 13.75 31.26 -16.39
N LEU A 333 12.59 31.93 -16.28
CA LEU A 333 11.36 31.31 -16.77
C LEU A 333 11.42 30.99 -18.26
N GLY A 334 12.10 31.82 -19.06
CA GLY A 334 12.10 31.50 -20.49
C GLY A 334 12.96 30.30 -20.86
N LEU A 335 13.71 29.74 -19.91
CA LEU A 335 14.40 28.48 -20.15
C LEU A 335 13.55 27.27 -19.85
N ALA A 336 12.41 27.45 -19.16
CA ALA A 336 11.59 26.35 -18.69
C ALA A 336 10.44 26.04 -19.64
N GLY A 337 10.01 24.79 -19.63
CA GLY A 337 8.77 24.34 -20.25
C GLY A 337 7.69 23.91 -19.28
N VAL A 338 8.06 23.70 -18.01
CA VAL A 338 7.12 23.27 -16.96
C VAL A 338 7.40 24.11 -15.74
N ILE A 339 6.35 24.70 -15.17
CA ILE A 339 6.49 25.41 -13.89
C ILE A 339 5.72 24.63 -12.84
N SER A 340 6.37 24.36 -11.72
CA SER A 340 5.76 23.47 -10.75
C SER A 340 5.86 24.11 -9.37
N PRO A 341 4.82 24.86 -8.96
CA PRO A 341 4.81 25.46 -7.62
C PRO A 341 4.13 24.55 -6.61
N GLY A 342 4.69 24.45 -5.40
CA GLY A 342 4.01 23.75 -4.35
C GLY A 342 4.92 23.52 -3.17
N SER A 343 4.44 22.67 -2.27
CA SER A 343 5.12 22.46 -1.00
C SER A 343 5.42 20.99 -0.80
N PRO A 344 6.60 20.63 -0.34
CA PRO A 344 6.94 19.23 -0.14
C PRO A 344 6.64 18.80 1.28
N ASP A 345 5.46 19.16 1.74
CA ASP A 345 4.90 18.78 3.03
C ASP A 345 3.70 17.90 2.75
N VAL A 346 3.29 17.07 3.72
CA VAL A 346 2.21 16.12 3.46
C VAL A 346 0.87 16.85 3.58
N ALA A 347 0.03 16.74 2.53
CA ALA A 347 -1.30 17.33 2.54
C ALA A 347 -1.33 18.76 3.06
N PRO A 348 -0.57 19.66 2.43
CA PRO A 348 -0.29 20.99 3.01
C PRO A 348 -1.20 22.08 2.47
N TYR A 349 -2.06 21.77 1.49
CA TYR A 349 -2.81 22.82 0.81
C TYR A 349 -4.08 23.15 1.58
N ARG A 350 -4.46 24.44 1.51
CA ARG A 350 -5.64 24.96 2.17
CA ARG A 350 -5.65 24.94 2.17
C ARG A 350 -6.42 25.79 1.18
N ALA A 351 -7.75 25.84 1.36
CA ALA A 351 -8.60 26.52 0.38
C ALA A 351 -8.30 28.01 0.24
N GLY A 352 -7.88 28.65 1.31
CA GLY A 352 -7.87 30.10 1.30
C GLY A 352 -6.60 30.76 1.82
N CYS A 353 -5.49 30.03 1.87
CA CYS A 353 -4.23 30.61 2.34
C CYS A 353 -3.06 29.77 1.85
N GLU A 354 -1.85 30.25 2.15
CA GLU A 354 -0.64 29.59 1.68
C GLU A 354 -0.49 28.19 2.29
N ALA A 355 0.18 27.32 1.52
CA ALA A 355 0.39 25.95 1.93
C ALA A 355 1.36 25.86 3.10
N ARG A 356 1.16 24.84 3.93
CA ARG A 356 2.13 24.52 4.98
C ARG A 356 3.44 24.04 4.37
N ASN A 357 4.56 24.39 5.03
CA ASN A 357 5.90 23.85 4.70
C ASN A 357 6.65 23.78 6.02
N ASP A 358 6.17 22.90 6.91
CA ASP A 358 6.73 22.77 8.26
C ASP A 358 8.05 22.01 8.22
N GLU A 359 9.06 22.54 8.89
CA GLU A 359 10.36 21.88 8.86
C GLU A 359 10.29 20.46 9.45
N LYS A 360 9.43 20.25 10.45
CA LYS A 360 9.28 18.97 11.12
C LYS A 360 8.59 17.89 10.28
N SER A 361 7.98 18.23 9.14
CA SER A 361 7.32 17.22 8.31
C SER A 361 7.66 17.29 6.83
N SER A 362 8.36 18.32 6.35
CA SER A 362 8.61 18.48 4.93
C SER A 362 9.92 17.84 4.49
N GLN A 363 10.00 17.58 3.19
CA GLN A 363 11.23 17.05 2.61
C GLN A 363 12.37 18.06 2.66
N PHE A 364 12.07 19.36 2.45
CA PHE A 364 13.00 20.48 2.49
C PHE A 364 12.16 21.76 2.58
N LEU A 365 12.83 22.89 2.74
CA LEU A 365 12.17 24.18 2.86
CA LEU A 365 12.16 24.17 2.85
C LEU A 365 12.17 24.88 1.51
N VAL A 366 10.99 25.25 1.03
CA VAL A 366 10.86 25.95 -0.27
C VAL A 366 11.42 27.37 -0.16
N ALA A 367 11.73 27.95 -1.32
CA ALA A 367 12.17 29.33 -1.39
C ALA A 367 11.06 30.31 -1.73
N ASP A 368 9.87 29.82 -2.07
CA ASP A 368 8.76 30.66 -2.52
C ASP A 368 7.50 30.00 -1.96
N LEU A 369 6.82 30.68 -1.03
CA LEU A 369 5.66 30.12 -0.34
C LEU A 369 4.33 30.57 -0.96
N ARG A 370 4.37 31.39 -2.00
CA ARG A 370 3.14 31.90 -2.60
C ARG A 370 2.25 30.79 -3.12
N ARG A 371 0.95 31.03 -3.08
CA ARG A 371 0.00 30.05 -3.57
C ARG A 371 0.22 29.84 -5.07
N PRO A 372 0.05 28.61 -5.56
CA PRO A 372 0.13 28.41 -7.01
C PRO A 372 -0.71 29.40 -7.83
N ARG A 373 -1.95 29.72 -7.42
CA ARG A 373 -2.75 30.59 -8.28
C ARG A 373 -2.15 31.98 -8.39
N HIS A 374 -1.41 32.40 -7.36
CA HIS A 374 -0.80 33.72 -7.35
C HIS A 374 0.49 33.71 -8.17
N ILE A 375 1.30 32.68 -8.02
CA ILE A 375 2.48 32.53 -8.86
C ILE A 375 2.08 32.45 -10.31
N LEU A 376 1.12 31.56 -10.62
CA LEU A 376 0.76 31.34 -12.03
C LEU A 376 -0.02 32.52 -12.60
N GLY A 377 -0.87 33.16 -11.80
CA GLY A 377 -1.56 34.35 -12.28
C GLY A 377 -0.61 35.48 -12.66
N ARG A 378 0.45 35.64 -11.87
CA ARG A 378 1.42 36.68 -12.16
C ARG A 378 2.22 36.35 -13.42
N ILE A 379 2.55 35.07 -13.61
CA ILE A 379 3.21 34.68 -14.84
C ILE A 379 2.30 35.00 -16.04
N GLU A 380 1.02 34.67 -15.94
CA GLU A 380 0.13 34.94 -17.06
C GLU A 380 -0.01 36.44 -17.30
N ALA A 381 -0.11 37.23 -16.22
CA ALA A 381 -0.20 38.67 -16.39
C ALA A 381 1.07 39.25 -17.00
N SER A 382 2.20 38.61 -16.77
CA SER A 382 3.44 39.11 -17.38
C SER A 382 3.60 38.72 -18.85
N GLY A 383 2.73 37.87 -19.39
CA GLY A 383 2.72 37.60 -20.82
C GLY A 383 2.98 36.16 -21.23
N THR A 384 3.09 35.21 -20.29
CA THR A 384 3.24 33.80 -20.64
C THR A 384 2.00 33.02 -20.20
N PRO A 385 1.14 32.56 -21.13
CA PRO A 385 0.05 31.66 -20.75
C PRO A 385 0.60 30.40 -20.11
N VAL A 386 -0.14 29.87 -19.15
CA VAL A 386 0.22 28.61 -18.48
C VAL A 386 -0.86 27.57 -18.77
N ASP A 387 -0.53 26.55 -19.55
CA ASP A 387 -1.45 25.43 -19.77
C ASP A 387 -1.65 24.67 -18.47
N HIS A 388 -2.86 24.15 -18.31
CA HIS A 388 -3.28 23.43 -17.13
C HIS A 388 -3.44 24.33 -15.91
N PHE A 389 -3.57 25.62 -16.14
CA PHE A 389 -3.93 26.58 -15.12
C PHE A 389 -5.13 27.36 -15.62
N VAL A 390 -6.18 27.36 -14.83
CA VAL A 390 -7.42 28.09 -15.11
C VAL A 390 -7.61 29.00 -13.89
N ASN A 391 -7.19 30.25 -14.02
CA ASN A 391 -7.15 31.13 -12.86
C ASN A 391 -8.51 31.20 -12.19
N PRO A 392 -8.64 30.83 -10.91
CA PRO A 392 -10.00 30.84 -10.30
C PRO A 392 -10.66 32.18 -10.29
N ALA A 393 -9.89 33.27 -10.44
CA ALA A 393 -10.47 34.61 -10.45
C ALA A 393 -11.14 34.95 -11.76
N GLY A 394 -11.08 34.08 -12.76
CA GLY A 394 -11.82 34.28 -13.98
C GLY A 394 -11.47 35.56 -14.74
N GLY B 15 -11.75 -0.59 30.05
CA GLY B 15 -12.47 -0.61 28.80
C GLY B 15 -12.23 -1.87 27.99
N ASP B 16 -10.96 -2.21 27.82
CA ASP B 16 -10.56 -3.27 26.89
C ASP B 16 -10.72 -4.64 27.52
N PHE B 17 -10.68 -5.67 26.68
CA PHE B 17 -10.76 -7.04 27.16
C PHE B 17 -9.64 -7.36 28.13
N VAL B 18 -9.96 -8.05 29.20
CA VAL B 18 -8.97 -8.59 30.12
C VAL B 18 -9.12 -10.11 30.13
N LEU B 19 -8.01 -10.82 29.90
CA LEU B 19 -8.02 -12.28 29.93
C LEU B 19 -8.52 -12.76 31.29
N PRO B 20 -9.35 -13.79 31.33
CA PRO B 20 -9.86 -14.27 32.61
C PRO B 20 -8.79 -15.03 33.37
N GLU B 21 -8.90 -15.03 34.70
CA GLU B 21 -8.02 -15.87 35.49
C GLU B 21 -8.60 -17.28 35.49
N LEU B 22 -7.84 -18.24 34.96
CA LEU B 22 -8.37 -19.60 34.82
C LEU B 22 -8.71 -20.21 36.17
N GLU B 23 -7.89 -19.95 37.19
CA GLU B 23 -8.20 -20.50 38.51
C GLU B 23 -9.54 -19.98 39.02
N ASP B 24 -9.84 -18.71 38.75
CA ASP B 24 -11.12 -18.13 39.15
C ASP B 24 -12.27 -18.77 38.39
N VAL B 25 -12.12 -18.93 37.08
CA VAL B 25 -13.17 -19.58 36.29
C VAL B 25 -13.36 -21.00 36.76
N ARG B 26 -12.27 -21.72 37.05
CA ARG B 26 -12.39 -23.08 37.57
CA ARG B 26 -12.39 -23.09 37.55
C ARG B 26 -13.20 -23.13 38.85
N ALA B 27 -12.94 -22.20 39.78
CA ALA B 27 -13.70 -22.18 41.03
C ALA B 27 -15.18 -21.91 40.76
N GLU B 28 -15.47 -21.02 39.83
CA GLU B 28 -16.87 -20.76 39.52
C GLU B 28 -17.50 -21.95 38.81
N ALA B 29 -16.75 -22.61 37.92
CA ALA B 29 -17.27 -23.76 37.20
C ALA B 29 -17.70 -24.87 38.14
N ALA B 30 -17.01 -25.01 39.28
CA ALA B 30 -17.37 -26.03 40.26
C ALA B 30 -18.75 -25.80 40.86
N THR B 31 -19.31 -24.59 40.74
CA THR B 31 -20.63 -24.27 41.28
C THR B 31 -21.75 -24.45 40.28
N VAL B 32 -21.42 -24.72 39.01
CA VAL B 32 -22.42 -24.85 37.97
C VAL B 32 -23.15 -26.19 38.12
N ASP B 33 -24.48 -26.15 38.04
CA ASP B 33 -25.34 -27.32 37.93
C ASP B 33 -25.51 -27.59 36.44
N THR B 34 -24.64 -28.46 35.91
CA THR B 34 -24.62 -28.70 34.46
C THR B 34 -25.93 -29.32 33.97
N ARG B 35 -26.54 -30.22 34.76
CA ARG B 35 -27.84 -30.76 34.38
C ARG B 35 -28.89 -29.65 34.25
N ALA B 36 -28.91 -28.71 35.18
CA ALA B 36 -29.83 -27.59 35.10
C ALA B 36 -29.52 -26.70 33.92
N VAL B 37 -28.23 -26.51 33.61
CA VAL B 37 -27.85 -25.74 32.44
C VAL B 37 -28.46 -26.34 31.16
N LEU B 38 -28.34 -27.65 30.98
CA LEU B 38 -28.96 -28.27 29.81
C LEU B 38 -30.48 -28.16 29.80
N ALA B 39 -31.11 -27.94 30.95
CA ALA B 39 -32.57 -27.83 30.98
C ALA B 39 -33.07 -26.43 30.61
N LEU B 40 -32.17 -25.49 30.33
CA LEU B 40 -32.59 -24.13 30.05
C LEU B 40 -33.36 -24.07 28.73
N ALA B 41 -34.45 -23.31 28.75
CA ALA B 41 -35.25 -23.09 27.55
C ALA B 41 -34.49 -22.16 26.62
N GLU B 42 -35.03 -22.01 25.41
CA GLU B 42 -34.31 -21.33 24.34
C GLU B 42 -33.73 -19.98 24.78
N GLY B 43 -34.55 -19.16 25.44
CA GLY B 43 -34.09 -17.82 25.74
C GLY B 43 -33.30 -17.66 27.02
N GLU B 44 -33.19 -18.71 27.84
CA GLU B 44 -32.68 -18.55 29.20
C GLU B 44 -31.16 -18.58 29.22
N GLU B 45 -30.59 -17.73 30.07
CA GLU B 45 -29.18 -17.62 30.39
C GLU B 45 -28.88 -18.30 31.73
N PRO B 46 -27.76 -19.02 31.86
CA PRO B 46 -27.36 -19.56 33.17
C PRO B 46 -27.11 -18.46 34.19
N ALA B 47 -26.99 -18.86 35.46
CA ALA B 47 -26.71 -17.94 36.54
C ALA B 47 -25.24 -17.60 36.68
N GLU B 48 -24.35 -18.44 36.17
CA GLU B 48 -22.91 -18.23 36.26
C GLU B 48 -22.42 -17.59 34.97
N SER B 49 -21.16 -17.15 34.99
CA SER B 49 -20.59 -16.60 33.76
C SER B 49 -20.50 -17.65 32.65
N ARG B 50 -20.54 -17.16 31.42
CA ARG B 50 -20.53 -18.08 30.28
C ARG B 50 -19.26 -18.89 30.25
N ALA B 51 -18.13 -18.26 30.62
CA ALA B 51 -16.86 -19.01 30.59
C ALA B 51 -16.89 -20.15 31.61
N ALA B 52 -17.44 -19.90 32.80
CA ALA B 52 -17.49 -20.96 33.79
C ALA B 52 -18.48 -22.06 33.39
N VAL B 53 -19.62 -21.69 32.77
CA VAL B 53 -20.55 -22.71 32.30
C VAL B 53 -19.90 -23.55 31.21
N ALA B 54 -19.21 -22.91 30.28
CA ALA B 54 -18.57 -23.67 29.22
C ALA B 54 -17.52 -24.62 29.80
N LEU B 55 -16.71 -24.15 30.74
CA LEU B 55 -15.74 -25.07 31.35
C LEU B 55 -16.46 -26.22 32.04
N ALA B 56 -17.52 -25.91 32.78
CA ALA B 56 -18.23 -26.97 33.52
C ALA B 56 -18.80 -28.02 32.58
N LEU B 57 -19.38 -27.59 31.46
CA LEU B 57 -19.93 -28.56 30.50
C LEU B 57 -18.81 -29.39 29.89
N TRP B 58 -17.73 -28.70 29.48
CA TRP B 58 -16.59 -29.37 28.86
C TRP B 58 -16.07 -30.48 29.75
N GLU B 59 -15.91 -30.20 31.05
CA GLU B 59 -15.28 -31.15 31.95
C GLU B 59 -16.24 -32.17 32.55
N ASP B 60 -17.56 -32.01 32.41
CA ASP B 60 -18.49 -32.97 33.05
C ASP B 60 -18.66 -34.14 32.10
N ARG B 61 -17.79 -35.14 32.23
CA ARG B 61 -17.79 -36.28 31.32
CA ARG B 61 -17.79 -36.28 31.32
C ARG B 61 -18.97 -37.20 31.52
N SER B 62 -19.84 -36.95 32.51
CA SER B 62 -21.10 -37.68 32.58
C SER B 62 -22.10 -37.17 31.57
N ILE B 63 -21.82 -36.03 30.93
CA ILE B 63 -22.59 -35.56 29.79
C ILE B 63 -21.78 -35.90 28.55
N GLY B 64 -22.27 -36.86 27.78
CA GLY B 64 -21.58 -37.26 26.58
C GLY B 64 -21.63 -36.17 25.52
N THR B 65 -20.67 -36.25 24.62
CA THR B 65 -20.59 -35.25 23.55
C THR B 65 -21.86 -35.25 22.68
N ALA B 66 -22.42 -36.43 22.39
CA ALA B 66 -23.61 -36.47 21.54
C ALA B 66 -24.76 -35.70 22.18
N GLU B 67 -24.89 -35.83 23.51
CA GLU B 67 -25.91 -35.12 24.26
C GLU B 67 -25.65 -33.61 24.24
N LEU B 68 -24.39 -33.19 24.39
CA LEU B 68 -24.08 -31.76 24.30
C LEU B 68 -24.37 -31.23 22.91
N GLN B 69 -23.95 -31.96 21.87
CA GLN B 69 -24.23 -31.54 20.51
C GLN B 69 -25.73 -31.38 20.28
N ALA B 70 -26.52 -32.33 20.75
CA ALA B 70 -27.96 -32.17 20.56
C ALA B 70 -28.48 -30.93 21.28
N ALA B 71 -28.05 -30.73 22.52
CA ALA B 71 -28.47 -29.55 23.27
C ALA B 71 -28.07 -28.28 22.55
N ALA B 72 -26.85 -28.24 22.02
CA ALA B 72 -26.38 -27.02 21.36
C ALA B 72 -27.13 -26.77 20.07
N GLU B 73 -27.34 -27.82 19.27
CA GLU B 73 -28.09 -27.65 18.03
C GLU B 73 -29.50 -27.16 18.29
N ALA B 74 -30.11 -27.68 19.36
CA ALA B 74 -31.44 -27.21 19.76
C ALA B 74 -31.40 -25.76 20.25
N ARG B 75 -30.37 -25.38 21.03
CA ARG B 75 -30.38 -24.06 21.64
C ARG B 75 -30.07 -22.98 20.61
N CYS B 76 -29.49 -23.36 19.48
CA CYS B 76 -29.25 -22.46 18.36
C CYS B 76 -30.21 -22.67 17.21
N GLY B 77 -31.14 -23.62 17.31
CA GLY B 77 -31.94 -24.00 16.15
C GLY B 77 -32.91 -22.92 15.66
N ALA B 78 -33.38 -22.07 16.57
CA ALA B 78 -34.30 -21.00 16.22
C ALA B 78 -33.62 -19.75 15.68
N ARG B 79 -32.29 -19.70 15.60
CA ARG B 79 -31.60 -18.52 15.11
C ARG B 79 -31.92 -18.34 13.63
N ARG B 80 -32.09 -17.08 13.20
CA ARG B 80 -32.41 -16.78 11.80
C ARG B 80 -31.56 -15.63 11.26
N PRO B 81 -30.97 -15.76 10.07
CA PRO B 81 -30.93 -16.93 9.18
C PRO B 81 -30.21 -18.09 9.84
N ARG B 82 -30.57 -19.33 9.50
CA ARG B 82 -29.84 -20.44 10.09
C ARG B 82 -28.35 -20.42 9.69
N LEU B 83 -28.04 -20.04 8.45
CA LEU B 83 -26.65 -20.10 7.98
C LEU B 83 -26.44 -18.97 7.00
N HIS B 84 -25.29 -18.32 7.11
CA HIS B 84 -24.83 -17.48 5.99
C HIS B 84 -23.44 -17.91 5.56
N THR B 85 -23.02 -17.39 4.40
CA THR B 85 -21.76 -17.82 3.81
C THR B 85 -20.88 -16.63 3.46
N PHE B 86 -19.57 -16.87 3.47
CA PHE B 86 -18.63 -15.96 2.80
C PHE B 86 -17.49 -16.82 2.32
N VAL B 87 -16.82 -16.35 1.25
CA VAL B 87 -15.72 -17.08 0.64
C VAL B 87 -14.45 -16.28 0.87
N PRO B 88 -13.39 -16.88 1.43
CA PRO B 88 -12.13 -16.13 1.62
C PRO B 88 -11.38 -15.84 0.33
N LEU B 89 -10.89 -14.59 0.21
CA LEU B 89 -10.05 -14.19 -0.91
C LEU B 89 -8.73 -13.67 -0.36
N TYR B 90 -7.67 -14.47 -0.51
CA TYR B 90 -6.34 -14.02 -0.11
C TYR B 90 -5.81 -13.07 -1.18
N THR B 91 -5.52 -11.83 -0.78
CA THR B 91 -5.12 -10.77 -1.71
C THR B 91 -3.62 -10.70 -1.88
N THR B 92 -2.88 -11.40 -1.04
CA THR B 92 -1.43 -11.50 -1.16
C THR B 92 -1.05 -12.65 -0.25
N ASN B 93 0.14 -13.16 -0.43
CA ASN B 93 0.68 -14.10 0.55
C ASN B 93 1.99 -13.60 1.10
N TYR B 94 2.32 -12.32 0.91
CA TYR B 94 3.44 -11.75 1.63
C TYR B 94 3.07 -11.56 3.11
N CYS B 95 4.07 -11.71 3.96
CA CYS B 95 3.86 -11.50 5.39
C CYS B 95 5.19 -11.17 6.04
N ASP B 96 5.17 -10.26 7.02
CA ASP B 96 6.39 -9.97 7.77
C ASP B 96 6.51 -10.76 9.07
N SER B 97 5.50 -11.53 9.45
CA SER B 97 5.53 -12.25 10.71
C SER B 97 6.08 -13.65 10.48
N GLU B 98 6.06 -14.47 11.53
CA GLU B 98 6.86 -15.70 11.56
C GLU B 98 6.12 -16.82 12.27
N CYS B 99 4.81 -16.90 12.09
CA CYS B 99 4.03 -17.92 12.79
C CYS B 99 4.44 -19.30 12.32
N LYS B 100 4.84 -20.13 13.27
CA LYS B 100 5.52 -21.34 12.89
C LYS B 100 4.58 -22.41 12.31
N MET B 101 3.27 -22.25 12.42
CA MET B 101 2.35 -23.24 11.86
C MET B 101 1.91 -22.90 10.45
N CYS B 102 2.37 -21.78 9.91
CA CYS B 102 1.77 -21.16 8.74
C CYS B 102 2.75 -21.08 7.56
N SER B 103 2.29 -21.43 6.35
CA SER B 103 3.23 -21.43 5.25
C SER B 103 3.62 -20.02 4.85
N MET B 104 2.81 -19.00 5.19
CA MET B 104 3.12 -17.64 4.79
C MET B 104 4.16 -16.95 5.66
N ARG B 105 4.64 -17.59 6.73
CA ARG B 105 5.70 -17.00 7.55
C ARG B 105 6.82 -16.48 6.67
N LYS B 106 7.40 -15.34 7.06
CA LYS B 106 8.41 -14.68 6.25
C LYS B 106 9.62 -15.56 5.96
N GLY B 107 9.98 -16.43 6.91
CA GLY B 107 11.17 -17.26 6.79
C GLY B 107 11.01 -18.46 5.90
N ASN B 108 9.81 -18.66 5.36
CA ASN B 108 9.59 -19.77 4.43
C ASN B 108 10.02 -19.29 3.06
N HIS B 109 11.30 -19.48 2.74
CA HIS B 109 11.80 -18.96 1.49
C HIS B 109 11.35 -19.76 0.27
N ARG B 110 10.70 -20.90 0.46
CA ARG B 110 10.17 -21.69 -0.64
C ARG B 110 8.80 -21.23 -1.14
N LEU B 111 8.11 -20.35 -0.42
CA LEU B 111 6.81 -19.91 -0.91
C LEU B 111 6.98 -19.05 -2.16
N ASP B 112 6.08 -19.23 -3.12
CA ASP B 112 6.03 -18.35 -4.30
C ASP B 112 5.16 -17.16 -3.91
N ARG B 113 5.77 -16.00 -3.75
CA ARG B 113 5.05 -14.86 -3.24
C ARG B 113 4.29 -14.15 -4.35
N LYS B 114 3.05 -13.76 -4.01
CA LYS B 114 2.07 -13.21 -4.96
C LYS B 114 1.34 -12.04 -4.33
N PHE B 115 0.86 -11.14 -5.19
CA PHE B 115 0.15 -9.95 -4.76
C PHE B 115 -0.85 -9.57 -5.84
N SER B 116 -2.13 -9.43 -5.47
CA SER B 116 -3.18 -9.04 -6.41
C SER B 116 -3.36 -7.53 -6.45
N GLY B 117 -3.32 -6.95 -7.64
CA GLY B 117 -3.65 -5.55 -7.82
C GLY B 117 -5.12 -5.36 -8.10
N ARG B 118 -5.44 -4.15 -8.56
CA ARG B 118 -6.82 -3.79 -8.86
C ARG B 118 -7.47 -4.80 -9.79
N LYS B 119 -6.78 -5.13 -10.88
CA LYS B 119 -7.40 -5.98 -11.88
C LYS B 119 -7.75 -7.34 -11.31
N GLU B 120 -6.79 -7.96 -10.64
CA GLU B 120 -7.01 -9.32 -10.16
C GLU B 120 -8.07 -9.37 -9.05
N ILE B 121 -8.04 -8.42 -8.10
CA ILE B 121 -9.05 -8.44 -7.04
C ILE B 121 -10.43 -8.30 -7.67
N THR B 122 -10.57 -7.36 -8.60
CA THR B 122 -11.87 -7.16 -9.26
C THR B 122 -12.31 -8.40 -10.02
N GLU B 123 -11.40 -9.02 -10.76
CA GLU B 123 -11.71 -10.26 -11.49
C GLU B 123 -12.14 -11.36 -10.54
N GLN B 124 -11.44 -11.51 -9.42
CA GLN B 124 -11.80 -12.58 -8.50
C GLN B 124 -13.16 -12.34 -7.86
N LEU B 125 -13.47 -11.09 -7.54
CA LEU B 125 -14.79 -10.79 -6.98
C LEU B 125 -15.87 -11.07 -8.01
N GLU B 126 -15.59 -10.81 -9.29
CA GLU B 126 -16.60 -11.08 -10.32
C GLU B 126 -16.83 -12.58 -10.50
N ILE B 127 -15.76 -13.37 -10.40
CA ILE B 127 -15.90 -14.82 -10.47
C ILE B 127 -16.71 -15.34 -9.30
N LEU B 128 -16.38 -14.90 -8.08
CA LEU B 128 -17.14 -15.34 -6.91
C LEU B 128 -18.60 -14.96 -7.05
N TYR B 129 -18.88 -13.74 -7.53
CA TYR B 129 -20.27 -13.29 -7.59
C TYR B 129 -21.04 -14.06 -8.65
N HIS B 130 -20.49 -14.14 -9.87
CA HIS B 130 -21.24 -14.68 -10.99
C HIS B 130 -21.08 -16.19 -11.14
N HIS B 131 -19.86 -16.71 -10.97
CA HIS B 131 -19.60 -18.12 -11.19
C HIS B 131 -19.80 -18.98 -9.96
N GLU B 132 -19.59 -18.42 -8.77
CA GLU B 132 -19.86 -19.15 -7.53
C GLU B 132 -21.20 -18.79 -6.89
N GLY B 133 -21.78 -17.66 -7.24
CA GLY B 133 -23.07 -17.23 -6.73
C GLY B 133 -23.04 -16.73 -5.31
N VAL B 134 -21.88 -16.36 -4.80
CA VAL B 134 -21.79 -15.92 -3.42
C VAL B 134 -21.92 -14.39 -3.33
N ARG B 135 -22.44 -13.94 -2.19
CA ARG B 135 -22.60 -12.53 -1.87
C ARG B 135 -21.90 -12.21 -0.56
N GLY B 136 -21.03 -13.09 -0.10
CA GLY B 136 -20.18 -12.78 1.03
C GLY B 136 -18.77 -13.09 0.64
N VAL B 137 -17.84 -12.22 1.06
CA VAL B 137 -16.41 -12.41 0.78
C VAL B 137 -15.58 -11.96 1.96
N GLY B 138 -14.42 -12.57 2.11
CA GLY B 138 -13.45 -12.18 3.12
C GLY B 138 -12.16 -11.81 2.41
N PHE B 139 -11.47 -10.77 2.91
CA PHE B 139 -10.19 -10.37 2.36
C PHE B 139 -9.11 -10.67 3.36
N LEU B 140 -8.02 -11.29 2.92
CA LEU B 140 -6.95 -11.64 3.83
C LEU B 140 -5.62 -11.19 3.26
N THR B 141 -4.71 -10.89 4.19
CA THR B 141 -3.33 -10.50 3.92
C THR B 141 -2.43 -11.08 4.99
N GLY B 142 -1.13 -10.86 4.81
CA GLY B 142 -0.20 -11.10 5.91
C GLY B 142 -0.36 -10.03 6.98
N GLU B 143 0.48 -10.12 8.01
CA GLU B 143 0.60 -9.00 8.93
C GLU B 143 1.96 -8.32 8.73
N TYR B 144 1.97 -6.98 8.72
CA TYR B 144 3.20 -6.26 8.38
C TYR B 144 3.82 -5.53 9.56
N GLU B 145 5.13 -5.30 9.47
CA GLU B 145 5.87 -4.78 10.62
C GLU B 145 5.84 -3.25 10.68
N ASP B 146 6.22 -2.56 9.63
CA ASP B 146 6.43 -1.12 9.75
CA ASP B 146 6.40 -1.13 9.85
C ASP B 146 5.13 -0.34 9.54
N LYS B 147 5.04 0.83 10.17
CA LYS B 147 3.79 1.58 10.16
C LYS B 147 3.34 1.94 8.75
N HIS B 148 4.25 2.45 7.91
CA HIS B 148 3.83 2.77 6.55
C HIS B 148 3.24 1.55 5.81
N THR B 149 3.85 0.37 5.97
CA THR B 149 3.28 -0.80 5.29
C THR B 149 1.91 -1.14 5.85
N ARG B 150 1.76 -1.09 7.17
CA ARG B 150 0.45 -1.44 7.75
C ARG B 150 -0.63 -0.49 7.28
N LEU B 151 -0.30 0.81 7.14
CA LEU B 151 -1.27 1.78 6.63
C LEU B 151 -1.57 1.55 5.16
N ALA B 152 -0.54 1.24 4.37
CA ALA B 152 -0.78 1.00 2.95
C ALA B 152 -1.60 -0.26 2.73
N SER B 153 -1.40 -1.28 3.59
CA SER B 153 -2.24 -2.48 3.53
C SER B 153 -3.69 -2.14 3.89
N ALA B 154 -3.87 -1.37 4.99
CA ALA B 154 -5.24 -1.01 5.39
C ALA B 154 -5.92 -0.24 4.27
N PHE B 155 -5.15 0.61 3.54
CA PHE B 155 -5.71 1.37 2.42
C PHE B 155 -6.24 0.45 1.32
N ARG B 156 -5.44 -0.55 0.93
CA ARG B 156 -5.79 -1.40 -0.19
C ARG B 156 -6.98 -2.27 0.18
N ILE B 157 -6.97 -2.80 1.40
CA ILE B 157 -8.09 -3.64 1.82
C ILE B 157 -9.36 -2.81 2.00
N GLY B 158 -9.25 -1.61 2.54
CA GLY B 158 -10.42 -0.74 2.54
C GLY B 158 -10.97 -0.53 1.12
N TRP B 159 -10.09 -0.29 0.15
CA TRP B 159 -10.57 -0.17 -1.23
C TRP B 159 -11.28 -1.45 -1.65
N ALA B 160 -10.74 -2.61 -1.28
CA ALA B 160 -11.34 -3.86 -1.70
C ALA B 160 -12.72 -4.06 -1.11
N ILE B 161 -12.87 -3.68 0.15
CA ILE B 161 -14.13 -3.80 0.85
C ILE B 161 -15.17 -2.92 0.18
N ARG B 162 -14.83 -1.66 -0.07
CA ARG B 162 -15.74 -0.76 -0.77
C ARG B 162 -16.10 -1.30 -2.15
N THR B 163 -15.13 -1.81 -2.88
CA THR B 163 -15.35 -2.36 -4.21
C THR B 163 -16.31 -3.56 -4.14
N ALA B 164 -16.12 -4.46 -3.15
CA ALA B 164 -17.03 -5.58 -2.99
C ALA B 164 -18.45 -5.11 -2.66
N LEU B 165 -18.57 -4.19 -1.71
CA LEU B 165 -19.92 -3.69 -1.39
C LEU B 165 -20.59 -3.06 -2.60
N ASP B 166 -19.82 -2.31 -3.40
CA ASP B 166 -20.45 -1.64 -4.55
C ASP B 166 -20.89 -2.64 -5.60
N LEU B 167 -20.20 -3.79 -5.69
CA LEU B 167 -20.58 -4.88 -6.58
C LEU B 167 -21.79 -5.64 -6.08
N GLY B 168 -22.21 -5.42 -4.84
CA GLY B 168 -23.39 -6.06 -4.33
C GLY B 168 -23.13 -7.16 -3.34
N PHE B 169 -21.89 -7.33 -2.88
CA PHE B 169 -21.64 -8.25 -1.77
C PHE B 169 -22.36 -7.71 -0.53
N GLU B 170 -23.06 -8.60 0.16
CA GLU B 170 -23.92 -8.22 1.27
C GLU B 170 -23.21 -8.36 2.60
N ARG B 171 -22.02 -8.95 2.61
CA ARG B 171 -21.27 -9.16 3.83
C ARG B 171 -19.82 -9.27 3.43
N VAL B 172 -18.98 -8.53 4.15
CA VAL B 172 -17.54 -8.55 3.91
C VAL B 172 -16.81 -8.78 5.21
N TYR B 173 -15.93 -9.77 5.23
CA TYR B 173 -15.01 -10.00 6.33
C TYR B 173 -13.64 -9.51 5.91
N PHE B 174 -12.82 -9.15 6.89
CA PHE B 174 -11.40 -8.92 6.60
C PHE B 174 -10.57 -9.51 7.72
N ASN B 175 -9.40 -9.99 7.34
CA ASN B 175 -8.50 -10.70 8.27
C ASN B 175 -7.10 -10.29 7.83
N ILE B 176 -6.58 -9.21 8.42
CA ILE B 176 -5.40 -8.53 7.87
C ILE B 176 -4.38 -8.21 8.96
N GLY B 177 -4.53 -8.88 10.11
CA GLY B 177 -3.64 -8.70 11.25
C GLY B 177 -4.24 -7.79 12.30
N SER B 178 -3.49 -7.63 13.38
CA SER B 178 -3.86 -6.70 14.44
C SER B 178 -3.99 -5.30 13.86
N MET B 179 -4.76 -4.47 14.55
N MET B 179 -4.80 -4.47 14.50
CA MET B 179 -5.11 -3.15 14.04
CA MET B 179 -4.96 -3.13 13.98
C MET B 179 -4.97 -2.11 15.14
C MET B 179 -4.96 -2.11 15.10
N GLU B 180 -4.22 -1.06 14.85
CA GLU B 180 -4.11 0.09 15.73
C GLU B 180 -5.11 1.15 15.25
N GLN B 181 -5.35 2.13 16.11
CA GLN B 181 -6.31 3.20 15.83
C GLN B 181 -6.07 3.88 14.47
N ASP B 182 -4.83 4.23 14.13
CA ASP B 182 -4.64 4.95 12.86
C ASP B 182 -4.85 4.05 11.64
N GLU B 183 -4.61 2.76 11.78
CA GLU B 183 -4.87 1.83 10.68
C GLU B 183 -6.36 1.66 10.46
N ILE B 184 -7.13 1.53 11.55
CA ILE B 184 -8.58 1.52 11.44
C ILE B 184 -9.09 2.81 10.79
N ASP B 185 -8.47 3.95 11.13
CA ASP B 185 -8.87 5.20 10.50
C ASP B 185 -8.72 5.13 8.98
N VAL B 186 -7.61 4.58 8.49
CA VAL B 186 -7.39 4.50 7.05
C VAL B 186 -8.39 3.55 6.37
N LEU B 187 -8.54 2.34 6.92
CA LEU B 187 -9.50 1.40 6.34
C LEU B 187 -10.91 1.98 6.41
N GLY B 188 -11.24 2.64 7.53
CA GLY B 188 -12.59 3.10 7.77
C GLY B 188 -13.04 4.24 6.87
N GLU B 189 -12.09 4.96 6.24
CA GLU B 189 -12.47 5.97 5.27
C GLU B 189 -13.19 5.38 4.07
N TRP B 190 -13.16 4.06 3.93
CA TRP B 190 -13.74 3.36 2.82
C TRP B 190 -15.14 2.85 3.08
N ILE B 191 -15.62 2.93 4.31
CA ILE B 191 -16.88 2.32 4.68
C ILE B 191 -17.64 3.26 5.58
N GLY B 192 -18.84 2.84 5.94
CA GLY B 192 -19.64 3.53 6.92
C GLY B 192 -19.79 2.67 8.16
N ARG B 193 -20.23 3.31 9.26
CA ARG B 193 -20.26 2.60 10.54
C ARG B 193 -21.27 1.47 10.51
N GLU B 194 -22.29 1.58 9.67
CA GLU B 194 -23.36 0.58 9.58
C GLU B 194 -23.12 -0.43 8.47
N ASP B 195 -21.99 -0.35 7.78
CA ASP B 195 -21.74 -1.31 6.71
C ASP B 195 -21.55 -2.73 7.24
N PRO B 196 -21.93 -3.75 6.45
CA PRO B 196 -21.83 -5.15 6.91
C PRO B 196 -20.42 -5.68 6.76
N VAL B 197 -19.56 -5.18 7.64
CA VAL B 197 -18.12 -5.45 7.55
C VAL B 197 -17.65 -5.99 8.89
N THR B 198 -17.07 -7.18 8.89
CA THR B 198 -16.65 -7.89 10.10
C THR B 198 -15.13 -7.91 10.20
N MET B 199 -14.60 -7.47 11.33
CA MET B 199 -13.15 -7.58 11.57
C MET B 199 -12.84 -8.96 12.14
N CYS B 200 -11.86 -9.64 11.54
CA CYS B 200 -11.41 -10.96 12.03
C CYS B 200 -10.00 -10.82 12.58
N VAL B 201 -9.80 -11.20 13.85
CA VAL B 201 -8.46 -11.25 14.44
C VAL B 201 -8.47 -12.45 15.37
N PHE B 202 -8.00 -13.59 14.90
CA PHE B 202 -7.98 -14.77 15.75
C PHE B 202 -6.77 -14.74 16.67
N GLN B 203 -7.00 -14.86 17.99
CA GLN B 203 -5.85 -14.81 18.89
C GLN B 203 -4.98 -16.05 18.74
N GLU B 204 -5.52 -17.12 18.14
CA GLU B 204 -4.80 -18.38 17.85
C GLU B 204 -4.64 -19.18 19.14
N SER B 205 -3.94 -18.63 20.11
CA SER B 205 -3.91 -19.16 21.47
C SER B 205 -3.98 -17.99 22.44
N TYR B 206 -4.85 -18.11 23.44
CA TYR B 206 -4.89 -17.12 24.50
C TYR B 206 -3.92 -17.45 25.62
N ASP B 207 -3.14 -18.51 25.47
CA ASP B 207 -2.08 -18.84 26.42
C ASP B 207 -0.80 -18.17 25.95
N ARG B 208 -0.23 -17.29 26.78
CA ARG B 208 0.90 -16.48 26.31
C ARG B 208 2.14 -17.34 26.03
N GLU B 209 2.32 -18.45 26.74
CA GLU B 209 3.51 -19.28 26.49
C GLU B 209 3.37 -20.00 25.16
N THR B 210 2.21 -20.60 24.91
CA THR B 210 1.99 -21.25 23.63
C THR B 210 2.00 -20.22 22.51
N TYR B 211 1.44 -19.04 22.76
CA TYR B 211 1.43 -18.01 21.72
C TYR B 211 2.86 -17.64 21.35
N ARG B 212 3.70 -17.45 22.36
CA ARG B 212 5.10 -17.13 22.11
C ARG B 212 5.79 -18.24 21.32
N ARG B 213 5.48 -19.51 21.66
CA ARG B 213 6.13 -20.64 21.00
C ARG B 213 5.89 -20.61 19.50
N PHE B 214 4.70 -20.17 19.08
CA PHE B 214 4.34 -20.24 17.66
C PHE B 214 4.45 -18.91 16.94
N MET B 215 4.08 -17.80 17.60
CA MET B 215 4.09 -16.49 16.96
C MET B 215 5.40 -15.75 17.15
N GLY B 216 6.22 -16.15 18.12
CA GLY B 216 7.50 -15.53 18.39
C GLY B 216 7.47 -14.63 19.61
N LYS B 217 8.65 -14.12 19.92
CA LYS B 217 8.85 -13.20 21.02
C LYS B 217 8.78 -11.76 20.52
N THR B 218 8.31 -10.87 21.40
CA THR B 218 8.18 -9.47 21.08
C THR B 218 9.55 -8.85 20.80
N SER B 219 9.58 -7.88 19.89
CA SER B 219 10.81 -7.20 19.49
C SER B 219 11.76 -8.16 18.79
N VAL B 220 11.80 -8.05 17.46
CA VAL B 220 12.63 -8.83 16.54
C VAL B 220 12.04 -8.56 15.17
N GLY B 221 11.20 -7.53 15.09
CA GLY B 221 10.42 -7.16 13.92
C GLY B 221 9.39 -8.18 13.52
N VAL B 222 8.73 -8.81 14.48
CA VAL B 222 7.79 -9.88 14.20
C VAL B 222 6.44 -9.37 14.68
N PRO B 223 5.61 -8.75 13.83
CA PRO B 223 4.47 -7.97 14.34
C PRO B 223 3.46 -8.74 15.15
N LYS B 224 3.13 -9.98 14.77
CA LYS B 224 2.11 -10.74 15.48
C LYS B 224 2.63 -11.24 16.83
N ALA B 225 3.92 -11.11 17.12
CA ALA B 225 4.40 -11.50 18.44
C ALA B 225 3.82 -10.66 19.57
N ASP B 226 3.30 -9.45 19.28
CA ASP B 226 2.74 -8.55 20.29
C ASP B 226 1.31 -8.99 20.60
N PHE B 227 1.20 -9.84 21.63
CA PHE B 227 -0.05 -10.46 22.01
C PHE B 227 -1.10 -9.42 22.38
N ASP B 228 -0.69 -8.36 23.06
CA ASP B 228 -1.65 -7.41 23.59
C ASP B 228 -2.20 -6.50 22.51
N ARG B 229 -1.32 -6.04 21.62
CA ARG B 229 -1.83 -5.31 20.46
C ARG B 229 -2.86 -6.14 19.71
N ARG B 230 -2.62 -7.43 19.57
CA ARG B 230 -3.55 -8.26 18.81
C ARG B 230 -4.86 -8.37 19.55
N VAL B 231 -4.80 -8.65 20.86
CA VAL B 231 -6.00 -9.05 21.59
C VAL B 231 -6.95 -7.87 21.84
N VAL B 232 -6.50 -6.62 21.73
CA VAL B 232 -7.39 -5.48 21.91
C VAL B 232 -7.81 -4.86 20.57
N SER B 233 -7.43 -5.49 19.43
CA SER B 233 -7.85 -4.94 18.12
C SER B 233 -9.35 -4.75 18.03
N PHE B 234 -10.13 -5.72 18.52
CA PHE B 234 -11.58 -5.57 18.50
C PHE B 234 -12.03 -4.37 19.32
N ASP B 235 -11.38 -4.12 20.47
CA ASP B 235 -11.75 -2.97 21.28
C ASP B 235 -11.47 -1.68 20.54
N ARG B 236 -10.40 -1.61 19.75
CA ARG B 236 -10.18 -0.41 18.94
C ARG B 236 -11.24 -0.27 17.84
N TRP B 237 -11.64 -1.38 17.23
CA TRP B 237 -12.69 -1.36 16.22
C TRP B 237 -14.01 -0.88 16.80
N LEU B 238 -14.38 -1.38 17.99
CA LEU B 238 -15.62 -0.95 18.62
C LEU B 238 -15.53 0.50 19.06
N ASP B 239 -14.36 0.92 19.59
CA ASP B 239 -14.20 2.33 19.96
C ASP B 239 -14.47 3.23 18.77
N ALA B 240 -14.07 2.77 17.57
CA ALA B 240 -14.24 3.56 16.35
C ALA B 240 -15.66 3.56 15.82
N GLY B 241 -16.56 2.81 16.44
CA GLY B 241 -17.97 2.88 16.13
C GLY B 241 -18.52 1.72 15.31
N TYR B 242 -17.70 0.69 15.04
CA TYR B 242 -18.10 -0.45 14.23
C TYR B 242 -18.77 -1.47 15.14
N ARG B 243 -19.11 -2.63 14.61
CA ARG B 243 -20.05 -3.50 15.31
C ARG B 243 -19.67 -4.96 15.21
N TYR B 244 -19.20 -5.40 14.06
CA TYR B 244 -19.07 -6.83 13.77
C TYR B 244 -17.64 -7.29 13.96
N VAL B 245 -17.47 -8.39 14.69
CA VAL B 245 -16.16 -8.90 15.05
C VAL B 245 -16.17 -10.43 15.00
N ASN B 246 -14.97 -11.02 14.98
CA ASN B 246 -14.83 -12.48 14.82
C ASN B 246 -13.55 -12.91 15.50
N PRO B 247 -13.61 -13.17 16.81
CA PRO B 247 -12.49 -13.81 17.52
C PRO B 247 -12.33 -15.26 17.11
N GLY B 248 -11.15 -15.83 17.41
CA GLY B 248 -10.98 -17.26 17.12
C GLY B 248 -9.77 -17.85 17.81
N VAL B 249 -9.80 -19.19 17.90
CA VAL B 249 -8.69 -19.97 18.43
C VAL B 249 -8.28 -20.98 17.38
N LEU B 250 -6.97 -21.23 17.26
CA LEU B 250 -6.45 -22.27 16.37
C LEU B 250 -6.26 -23.55 17.16
N VAL B 251 -7.15 -24.49 16.89
CA VAL B 251 -7.25 -25.71 17.65
C VAL B 251 -6.12 -26.61 17.23
N GLY B 252 -5.31 -27.02 18.19
CA GLY B 252 -4.10 -27.75 17.87
C GLY B 252 -2.83 -27.06 18.31
N LEU B 253 -2.86 -25.77 18.68
CA LEU B 253 -1.65 -25.11 19.15
C LEU B 253 -1.41 -25.41 20.62
N HIS B 254 -2.41 -25.15 21.47
CA HIS B 254 -2.31 -25.36 22.90
C HIS B 254 -2.93 -26.71 23.24
N ASP B 255 -2.22 -27.51 24.06
CA ASP B 255 -2.70 -28.86 24.36
C ASP B 255 -3.87 -28.89 25.36
N ASP B 256 -4.12 -27.81 26.08
CA ASP B 256 -5.19 -27.75 27.08
C ASP B 256 -6.37 -26.98 26.48
N LEU B 257 -7.28 -27.72 25.84
CA LEU B 257 -8.43 -27.10 25.20
C LEU B 257 -9.34 -26.40 26.20
N SER B 258 -9.40 -26.88 27.45
CA SER B 258 -10.27 -26.22 28.41
C SER B 258 -9.86 -24.77 28.65
N ALA B 259 -8.54 -24.49 28.68
CA ALA B 259 -8.08 -23.12 28.84
C ALA B 259 -8.46 -22.24 27.65
N GLU B 260 -8.37 -22.76 26.43
CA GLU B 260 -8.66 -21.97 25.25
C GLU B 260 -10.15 -21.70 25.16
N LEU B 261 -10.97 -22.71 25.45
CA LEU B 261 -12.43 -22.56 25.49
C LEU B 261 -12.83 -21.45 26.45
N VAL B 262 -12.29 -21.50 27.66
CA VAL B 262 -12.58 -20.46 28.65
C VAL B 262 -12.25 -19.09 28.09
N SER B 263 -11.09 -18.93 27.47
CA SER B 263 -10.68 -17.61 27.05
C SER B 263 -11.50 -17.10 25.87
N LEU B 264 -11.80 -17.96 24.89
CA LEU B 264 -12.60 -17.52 23.75
C LEU B 264 -14.01 -17.13 24.18
N VAL B 265 -14.63 -17.95 25.04
CA VAL B 265 -15.97 -17.61 25.50
C VAL B 265 -15.94 -16.32 26.29
N ALA B 266 -14.92 -16.14 27.13
CA ALA B 266 -14.83 -14.90 27.89
C ALA B 266 -14.63 -13.71 26.96
N HIS B 267 -13.86 -13.91 25.89
CA HIS B 267 -13.68 -12.84 24.92
C HIS B 267 -14.99 -12.51 24.24
N GLY B 268 -15.72 -13.56 23.81
CA GLY B 268 -17.03 -13.35 23.22
C GLY B 268 -18.00 -12.67 24.17
N ASP B 269 -17.93 -13.01 25.46
CA ASP B 269 -18.82 -12.39 26.44
C ASP B 269 -18.47 -10.91 26.63
N HIS B 270 -17.19 -10.58 26.65
CA HIS B 270 -16.78 -9.18 26.72
C HIS B 270 -17.30 -8.41 25.51
N LEU B 271 -17.16 -8.97 24.31
CA LEU B 271 -17.61 -8.29 23.10
C LEU B 271 -19.13 -8.11 23.12
N ARG B 272 -19.86 -9.13 23.58
CA ARG B 272 -21.30 -8.98 23.79
C ARG B 272 -21.59 -7.82 24.72
N SER B 273 -20.86 -7.74 25.84
CA SER B 273 -21.12 -6.68 26.80
C SER B 273 -20.90 -5.29 26.21
N ARG B 274 -20.09 -5.19 25.16
CA ARG B 274 -19.84 -3.92 24.49
C ARG B 274 -20.83 -3.64 23.37
N GLY B 275 -21.79 -4.52 23.15
CA GLY B 275 -22.77 -4.30 22.09
C GLY B 275 -22.39 -4.88 20.77
N ALA B 276 -21.31 -5.64 20.70
CA ALA B 276 -20.82 -6.10 19.42
C ALA B 276 -21.60 -7.33 18.99
N THR B 277 -21.60 -7.57 17.69
CA THR B 277 -22.06 -8.83 17.14
C THR B 277 -20.82 -9.61 16.75
N ALA B 278 -20.69 -10.80 17.30
CA ALA B 278 -19.49 -11.62 17.13
C ALA B 278 -19.83 -12.94 16.47
N ASP B 279 -18.98 -13.36 15.53
CA ASP B 279 -18.87 -14.77 15.16
C ASP B 279 -17.64 -15.35 15.88
N LEU B 280 -17.64 -16.67 16.09
CA LEU B 280 -16.53 -17.33 16.76
C LEU B 280 -15.95 -18.38 15.85
N SER B 281 -14.64 -18.33 15.67
CA SER B 281 -13.94 -19.26 14.78
C SER B 281 -13.12 -20.22 15.61
N VAL B 282 -13.20 -21.50 15.28
CA VAL B 282 -12.36 -22.52 15.92
C VAL B 282 -11.65 -23.40 14.88
N PRO B 283 -10.84 -22.83 14.00
CA PRO B 283 -10.31 -23.62 12.90
C PRO B 283 -9.33 -24.66 13.43
N ARG B 284 -9.36 -25.85 12.86
CA ARG B 284 -8.37 -26.87 13.19
C ARG B 284 -7.21 -26.78 12.20
N MET B 285 -6.05 -27.16 12.68
CA MET B 285 -4.82 -27.12 11.88
C MET B 285 -4.92 -28.02 10.64
N ARG B 286 -4.26 -27.56 9.59
CA ARG B 286 -4.14 -28.29 8.34
C ARG B 286 -2.69 -28.30 7.91
N PRO B 287 -2.34 -29.14 6.94
CA PRO B 287 -0.94 -29.26 6.51
C PRO B 287 -0.44 -27.93 5.96
N ALA B 288 0.80 -27.61 6.31
CA ALA B 288 1.46 -26.39 5.87
C ALA B 288 2.97 -26.61 5.94
N MET B 289 3.71 -25.67 5.37
CA MET B 289 5.16 -25.68 5.51
C MET B 289 5.51 -25.07 6.86
N LYS B 290 5.41 -25.90 7.91
CA LYS B 290 5.56 -25.44 9.28
C LYS B 290 7.01 -25.49 9.74
N SER B 291 7.36 -24.62 10.69
CA SER B 291 8.61 -24.75 11.42
C SER B 291 8.44 -25.32 12.82
N ARG B 292 7.23 -25.69 13.22
CA ARG B 292 7.00 -26.34 14.50
C ARG B 292 5.78 -27.25 14.39
N ASP B 293 5.85 -28.41 15.05
CA ASP B 293 4.76 -29.40 15.07
C ASP B 293 3.55 -28.88 15.86
N THR B 294 2.36 -29.32 15.44
CA THR B 294 1.12 -29.04 16.14
C THR B 294 0.49 -30.38 16.56
N THR B 295 -0.54 -30.31 17.40
CA THR B 295 -1.22 -31.50 17.90
C THR B 295 -2.56 -31.67 17.20
N ARG B 296 -2.88 -32.90 16.84
CA ARG B 296 -4.11 -33.24 16.16
C ARG B 296 -5.19 -33.46 17.22
N VAL B 297 -6.27 -32.66 17.15
CA VAL B 297 -7.42 -32.81 18.03
C VAL B 297 -8.46 -33.65 17.30
N GLY B 298 -8.89 -34.72 17.95
CA GLY B 298 -9.78 -35.66 17.31
C GLY B 298 -11.20 -35.17 17.22
N ASP B 299 -11.97 -35.86 16.38
CA ASP B 299 -13.28 -35.35 15.98
C ASP B 299 -14.24 -35.23 17.17
N ASP B 300 -14.18 -36.18 18.11
CA ASP B 300 -15.11 -36.13 19.26
C ASP B 300 -14.83 -34.93 20.13
N ASP B 301 -13.57 -34.76 20.53
CA ASP B 301 -13.22 -33.60 21.34
C ASP B 301 -13.51 -32.31 20.60
N TYR B 302 -13.31 -32.29 19.28
CA TYR B 302 -13.57 -31.06 18.53
C TYR B 302 -15.08 -30.77 18.46
N LEU B 303 -15.90 -31.80 18.24
CA LEU B 303 -17.35 -31.62 18.32
C LEU B 303 -17.78 -31.18 19.72
N ARG B 304 -17.12 -31.71 20.75
CA ARG B 304 -17.46 -31.31 22.11
C ARG B 304 -17.12 -29.85 22.34
N LEU B 305 -15.97 -29.41 21.83
CA LEU B 305 -15.60 -28.00 21.92
C LEU B 305 -16.61 -27.11 21.18
N MET B 306 -16.94 -27.48 19.94
CA MET B 306 -17.89 -26.68 19.18
C MET B 306 -19.25 -26.64 19.88
N SER B 307 -19.68 -27.77 20.44
CA SER B 307 -20.97 -27.85 21.13
C SER B 307 -21.01 -26.94 22.34
N VAL B 308 -19.95 -26.91 23.14
CA VAL B 308 -19.99 -26.13 24.38
C VAL B 308 -19.97 -24.65 24.07
N VAL B 309 -19.15 -24.25 23.07
CA VAL B 309 -19.13 -22.85 22.64
C VAL B 309 -20.48 -22.45 22.06
N ALA B 310 -21.03 -23.25 21.16
CA ALA B 310 -22.29 -22.88 20.52
C ALA B 310 -23.42 -22.80 21.53
N PHE B 311 -23.43 -23.70 22.52
CA PHE B 311 -24.45 -23.69 23.57
C PHE B 311 -24.34 -22.44 24.45
N THR B 312 -23.13 -22.13 24.92
CA THR B 312 -22.99 -21.04 25.87
C THR B 312 -23.05 -19.66 25.20
N CYS B 313 -22.79 -19.58 23.89
CA CYS B 313 -22.75 -18.31 23.16
C CYS B 313 -23.75 -18.39 22.02
N PRO B 314 -25.05 -18.49 22.34
CA PRO B 314 -26.01 -18.91 21.32
C PRO B 314 -26.30 -17.85 20.27
N GLU B 315 -25.99 -16.59 20.54
CA GLU B 315 -26.18 -15.56 19.51
C GLU B 315 -24.89 -15.27 18.76
N GLN B 316 -23.85 -16.05 19.01
CA GLN B 316 -22.54 -15.84 18.39
C GLN B 316 -22.21 -17.05 17.50
N ARG B 317 -22.34 -16.84 16.19
CA ARG B 317 -22.28 -17.95 15.25
C ARG B 317 -20.90 -18.55 15.18
N LEU B 318 -20.83 -19.87 15.22
CA LEU B 318 -19.56 -20.51 14.93
C LEU B 318 -19.35 -20.56 13.43
N VAL B 319 -18.09 -20.43 13.02
CA VAL B 319 -17.75 -20.45 11.62
C VAL B 319 -17.11 -21.78 11.28
N LEU B 320 -17.63 -22.44 10.26
CA LEU B 320 -17.15 -23.74 9.78
C LEU B 320 -16.57 -23.56 8.40
N THR B 321 -15.36 -24.09 8.15
CA THR B 321 -14.65 -23.85 6.90
C THR B 321 -14.23 -25.16 6.24
N THR B 322 -13.66 -25.03 5.04
CA THR B 322 -13.11 -26.15 4.29
C THR B 322 -11.76 -26.67 4.83
N ARG B 323 -11.29 -26.19 6.00
CA ARG B 323 -10.31 -26.94 6.76
C ARG B 323 -10.87 -28.28 7.19
N GLU B 324 -12.18 -28.42 7.13
CA GLU B 324 -12.81 -29.69 7.49
C GLU B 324 -13.30 -30.41 6.26
N PRO B 325 -13.19 -31.73 6.20
CA PRO B 325 -13.68 -32.47 5.04
C PRO B 325 -15.20 -32.51 5.02
N GLN B 326 -15.73 -32.87 3.84
CA GLN B 326 -17.17 -32.90 3.62
C GLN B 326 -17.86 -33.72 4.71
N GLU B 327 -17.27 -34.86 5.07
CA GLU B 327 -17.92 -35.74 6.04
CA GLU B 327 -17.92 -35.74 6.04
C GLU B 327 -18.08 -35.05 7.39
N PHE B 328 -17.07 -34.28 7.80
CA PHE B 328 -17.19 -33.58 9.08
C PHE B 328 -18.14 -32.40 9.00
N GLN B 329 -18.09 -31.65 7.89
CA GLN B 329 -19.07 -30.57 7.72
C GLN B 329 -20.49 -31.09 7.90
N ASP B 330 -20.80 -32.26 7.32
CA ASP B 330 -22.16 -32.77 7.38
C ASP B 330 -22.57 -33.06 8.82
N VAL B 331 -21.66 -33.60 9.62
CA VAL B 331 -22.06 -33.92 10.98
C VAL B 331 -22.07 -32.71 11.89
N ALA B 332 -21.31 -31.65 11.56
CA ALA B 332 -21.16 -30.49 12.42
C ALA B 332 -22.00 -29.28 11.97
N LEU B 333 -22.65 -29.36 10.80
CA LEU B 333 -23.30 -28.19 10.23
CA LEU B 333 -23.30 -28.19 10.22
C LEU B 333 -24.30 -27.55 11.18
N GLY B 334 -25.06 -28.38 11.94
CA GLY B 334 -26.04 -27.85 12.87
C GLY B 334 -25.47 -27.00 14.00
N LEU B 335 -24.18 -27.07 14.25
CA LEU B 335 -23.55 -26.25 15.28
C LEU B 335 -23.07 -24.90 14.75
N ALA B 336 -23.03 -24.73 13.45
CA ALA B 336 -22.46 -23.54 12.83
C ALA B 336 -23.55 -22.56 12.47
N GLY B 337 -23.17 -21.30 12.45
CA GLY B 337 -24.02 -20.26 11.92
C GLY B 337 -23.45 -19.61 10.65
N VAL B 338 -22.21 -19.93 10.30
CA VAL B 338 -21.57 -19.42 9.10
C VAL B 338 -20.82 -20.58 8.48
N ILE B 339 -20.94 -20.73 7.14
CA ILE B 339 -20.20 -21.73 6.39
C ILE B 339 -19.31 -20.99 5.40
N SER B 340 -18.02 -21.32 5.43
CA SER B 340 -17.03 -20.55 4.68
C SER B 340 -16.15 -21.46 3.84
N PRO B 341 -16.55 -21.74 2.60
CA PRO B 341 -15.76 -22.59 1.70
C PRO B 341 -14.83 -21.72 0.89
N GLY B 342 -13.61 -22.20 0.70
CA GLY B 342 -12.73 -21.56 -0.25
C GLY B 342 -11.32 -22.06 -0.09
N SER B 343 -10.40 -21.33 -0.72
CA SER B 343 -9.02 -21.74 -0.77
C SER B 343 -8.13 -20.64 -0.22
N PRO B 344 -7.08 -20.99 0.60
CA PRO B 344 -6.16 -19.97 1.11
C PRO B 344 -4.97 -19.77 0.19
N ASP B 345 -5.22 -19.79 -1.10
CA ASP B 345 -4.26 -19.49 -2.16
C ASP B 345 -4.62 -18.11 -2.71
N VAL B 346 -3.64 -17.43 -3.32
CA VAL B 346 -3.84 -16.06 -3.79
C VAL B 346 -4.55 -16.08 -5.14
N ALA B 347 -5.66 -15.35 -5.25
CA ALA B 347 -6.50 -15.27 -6.43
C ALA B 347 -6.72 -16.65 -7.08
N PRO B 348 -7.32 -17.58 -6.36
CA PRO B 348 -7.33 -18.98 -6.80
C PRO B 348 -8.56 -19.40 -7.56
N TYR B 349 -9.55 -18.52 -7.65
CA TYR B 349 -10.85 -18.90 -8.21
C TYR B 349 -10.85 -18.73 -9.72
N ARG B 350 -11.60 -19.61 -10.39
CA ARG B 350 -11.63 -19.62 -11.83
C ARG B 350 -12.96 -20.18 -12.32
N ALA B 351 -13.49 -19.58 -13.38
CA ALA B 351 -14.73 -20.05 -13.96
C ALA B 351 -14.58 -21.51 -14.35
N GLY B 352 -15.60 -22.31 -14.06
CA GLY B 352 -15.66 -23.64 -14.60
C GLY B 352 -14.83 -24.68 -13.87
N CYS B 353 -14.13 -24.32 -12.79
CA CYS B 353 -13.21 -25.27 -12.17
C CYS B 353 -13.16 -25.06 -10.67
N GLU B 354 -12.69 -26.09 -9.99
CA GLU B 354 -12.32 -25.97 -8.60
C GLU B 354 -11.15 -24.97 -8.45
N ALA B 355 -11.14 -24.29 -7.33
CA ALA B 355 -10.13 -23.29 -7.04
C ALA B 355 -8.75 -23.93 -6.89
N ARG B 356 -7.70 -23.18 -7.22
CA ARG B 356 -6.36 -23.65 -6.95
C ARG B 356 -6.08 -23.65 -5.44
N ASN B 357 -5.26 -24.61 -5.00
CA ASN B 357 -4.76 -24.69 -3.63
C ASN B 357 -3.35 -25.28 -3.69
N ASP B 358 -2.44 -24.54 -4.34
CA ASP B 358 -1.07 -24.99 -4.59
CA ASP B 358 -1.09 -25.01 -4.58
C ASP B 358 -0.27 -24.90 -3.31
N GLU B 359 0.41 -25.99 -2.93
CA GLU B 359 1.23 -25.98 -1.71
C GLU B 359 2.28 -24.88 -1.74
N LYS B 360 2.82 -24.54 -2.90
CA LYS B 360 3.89 -23.54 -2.97
C LYS B 360 3.42 -22.09 -2.86
N SER B 361 2.12 -21.83 -2.81
CA SER B 361 1.66 -20.45 -2.63
C SER B 361 0.54 -20.31 -1.62
N SER B 362 0.01 -21.42 -1.07
CA SER B 362 -1.11 -21.35 -0.15
C SER B 362 -0.64 -21.28 1.30
N GLN B 363 -1.51 -20.71 2.15
CA GLN B 363 -1.25 -20.70 3.59
C GLN B 363 -1.23 -22.10 4.19
N PHE B 364 -2.09 -23.01 3.70
CA PHE B 364 -2.20 -24.39 4.14
C PHE B 364 -3.01 -25.13 3.08
N LEU B 365 -3.13 -26.45 3.24
CA LEU B 365 -3.85 -27.29 2.29
C LEU B 365 -5.23 -27.61 2.84
N VAL B 366 -6.27 -27.27 2.06
CA VAL B 366 -7.67 -27.48 2.48
C VAL B 366 -7.99 -28.97 2.47
N ALA B 367 -9.05 -29.31 3.19
CA ALA B 367 -9.53 -30.68 3.22
C ALA B 367 -10.70 -30.93 2.29
N ASP B 368 -11.21 -29.88 1.64
CA ASP B 368 -12.38 -29.98 0.76
C ASP B 368 -12.19 -28.96 -0.35
N LEU B 369 -11.96 -29.47 -1.56
CA LEU B 369 -11.64 -28.66 -2.71
C LEU B 369 -12.88 -28.30 -3.54
N ARG B 370 -14.06 -28.82 -3.19
CA ARG B 370 -15.25 -28.59 -4.00
C ARG B 370 -15.56 -27.11 -4.15
N ARG B 371 -16.13 -26.75 -5.30
CA ARG B 371 -16.45 -25.36 -5.55
C ARG B 371 -17.51 -24.88 -4.56
N PRO B 372 -17.45 -23.62 -4.13
CA PRO B 372 -18.51 -23.12 -3.22
C PRO B 372 -19.93 -23.39 -3.73
N ARG B 373 -20.19 -23.23 -5.03
CA ARG B 373 -21.56 -23.41 -5.53
C ARG B 373 -22.06 -24.83 -5.30
N HIS B 374 -21.16 -25.82 -5.34
CA HIS B 374 -21.56 -27.20 -5.11
C HIS B 374 -21.64 -27.54 -3.62
N ILE B 375 -20.71 -27.02 -2.82
CA ILE B 375 -20.82 -27.18 -1.38
C ILE B 375 -22.13 -26.59 -0.89
N LEU B 376 -22.39 -25.33 -1.26
CA LEU B 376 -23.56 -24.65 -0.71
C LEU B 376 -24.84 -25.17 -1.33
N GLY B 377 -24.81 -25.46 -2.62
CA GLY B 377 -25.99 -26.06 -3.25
C GLY B 377 -26.38 -27.37 -2.60
N ARG B 378 -25.39 -28.13 -2.14
CA ARG B 378 -25.71 -29.42 -1.55
C ARG B 378 -26.32 -29.23 -0.15
N ILE B 379 -25.81 -28.25 0.58
CA ILE B 379 -26.42 -27.89 1.86
C ILE B 379 -27.87 -27.47 1.68
N GLU B 380 -28.14 -26.60 0.68
CA GLU B 380 -29.51 -26.16 0.48
C GLU B 380 -30.39 -27.33 0.07
N ALA B 381 -29.85 -28.23 -0.76
CA ALA B 381 -30.62 -29.36 -1.23
C ALA B 381 -31.01 -30.27 -0.07
N SER B 382 -30.11 -30.40 0.91
CA SER B 382 -30.38 -31.22 2.08
C SER B 382 -31.27 -30.54 3.11
N GLY B 383 -31.61 -29.26 2.94
CA GLY B 383 -32.65 -28.68 3.79
C GLY B 383 -32.28 -27.46 4.60
N THR B 384 -31.12 -26.86 4.38
CA THR B 384 -30.72 -25.65 5.12
C THR B 384 -30.47 -24.50 4.14
N PRO B 385 -31.32 -23.49 4.06
CA PRO B 385 -31.01 -22.35 3.19
C PRO B 385 -29.75 -21.66 3.65
N VAL B 386 -29.00 -21.12 2.69
CA VAL B 386 -27.76 -20.41 2.94
C VAL B 386 -27.95 -18.97 2.49
N ASP B 387 -28.00 -18.06 3.44
CA ASP B 387 -27.98 -16.63 3.14
C ASP B 387 -26.66 -16.21 2.47
N HIS B 388 -26.75 -15.22 1.60
CA HIS B 388 -25.64 -14.75 0.78
C HIS B 388 -25.20 -15.74 -0.29
N PHE B 389 -26.06 -16.66 -0.67
CA PHE B 389 -25.79 -17.58 -1.79
C PHE B 389 -26.98 -17.61 -2.74
N VAL B 390 -26.71 -17.40 -4.02
CA VAL B 390 -27.72 -17.49 -5.07
C VAL B 390 -27.18 -18.52 -6.05
N ASN B 391 -27.65 -19.76 -5.96
CA ASN B 391 -27.09 -20.84 -6.76
C ASN B 391 -27.09 -20.48 -8.26
N PRO B 392 -25.94 -20.53 -8.94
CA PRO B 392 -25.91 -20.21 -10.38
C PRO B 392 -26.41 -21.33 -11.28
N ALA B 393 -26.75 -22.49 -10.73
CA ALA B 393 -27.21 -23.61 -11.52
C ALA B 393 -28.57 -23.29 -12.17
#